data_8BS0
#
_entry.id   8BS0
#
_cell.length_a   56.350
_cell.length_b   93.980
_cell.length_c   81.520
_cell.angle_alpha   90.000
_cell.angle_beta   102.550
_cell.angle_gamma   90.000
#
_symmetry.space_group_name_H-M   'P 1 21 1'
#
loop_
_entity.id
_entity.type
_entity.pdbx_description
1 polymer 'N-acylglucosamine 2-epimerase'
2 non-polymer 'PHOSPHATE ION'
3 non-polymer 'CHLORIDE ION'
4 water water
#
_entity_poly.entity_id   1
_entity_poly.type   'polypeptide(L)'
_entity_poly.pdbx_seq_one_letter_code
;MGSSHHHHHHSQDPNSVIEYTLEKLKDLQGFYQKQLLDDTVPFWFPRSIDREFGGYLLMRDQDGSLIDDDKAVWIQGRAA
WLLSTLYNTVEQKQEWLDGAKSGIDFLNRHCFDTDGQMFFHVTRDGQPIRKRRYYFSETFAVIANAAYAKASGDEAAAKQ
ARYLFGKCIEYSTNPGLLPPKYTGTRPAKGIGVPMIMMNTAQQLRETIGDPRCDEWIDKWINEIETYFVKDDIRCVMEQV
APDGSIIDHIDGRTLNPGHAIEGAWFILHEAKYRNNDPRLIKLGCKMLDYMWDRGWDKEHGGILYFRDVYNKPVQEYWQD
MKFWWPHNEVIIATLLAYTITGEEKYAQWHKLVHEYAYQHFHDAANGEWFGYLHKDGTLAQTAKGNLFKGPFHLPRQEWY
CMTLLNEYLQQSASYTAQ
;
_entity_poly.pdbx_strand_id   A,B
#
loop_
_chem_comp.id
_chem_comp.type
_chem_comp.name
_chem_comp.formula
CL non-polymer 'CHLORIDE ION' 'Cl -1'
PO4 non-polymer 'PHOSPHATE ION' 'O4 P -3'
#
# COMPACT_ATOMS: atom_id res chain seq x y z
N GLU A 19 -5.98 26.45 -30.59
CA GLU A 19 -5.13 25.57 -29.79
C GLU A 19 -4.09 24.88 -30.68
N TYR A 20 -4.29 23.61 -30.99
CA TYR A 20 -3.27 22.84 -31.71
C TYR A 20 -3.42 23.07 -33.21
N THR A 21 -2.40 23.67 -33.81
CA THR A 21 -2.27 23.76 -35.25
C THR A 21 -1.50 22.52 -35.76
N LEU A 22 -1.49 22.35 -37.08
CA LEU A 22 -0.77 21.21 -37.65
C LEU A 22 0.74 21.33 -37.38
N GLU A 23 1.28 22.54 -37.46
CA GLU A 23 2.69 22.74 -37.13
C GLU A 23 2.96 22.38 -35.67
N LYS A 24 2.03 22.71 -34.78
CA LYS A 24 2.18 22.37 -33.38
C LYS A 24 2.12 20.86 -33.17
N LEU A 25 1.21 20.17 -33.88
CA LEU A 25 1.18 18.72 -33.81
C LEU A 25 2.42 18.09 -34.43
N LYS A 26 2.97 18.70 -35.48
CA LYS A 26 4.24 18.24 -36.01
C LYS A 26 5.36 18.37 -34.98
N ASP A 27 5.37 19.48 -34.23
CA ASP A 27 6.36 19.65 -33.19
C ASP A 27 6.17 18.64 -32.08
N LEU A 28 4.90 18.32 -31.74
CA LEU A 28 4.63 17.34 -30.71
C LEU A 28 5.08 15.95 -31.15
N GLN A 29 4.83 15.60 -32.41
CA GLN A 29 5.30 14.33 -32.94
C GLN A 29 6.81 14.20 -32.78
N GLY A 30 7.56 15.22 -33.18
CA GLY A 30 9.00 15.15 -33.02
C GLY A 30 9.42 15.11 -31.56
N PHE A 31 8.69 15.81 -30.70
CA PHE A 31 9.02 15.81 -29.28
C PHE A 31 8.90 14.40 -28.71
N TYR A 32 7.76 13.75 -28.95
CA TYR A 32 7.59 12.40 -28.41
C TYR A 32 8.57 11.42 -29.04
N GLN A 33 8.88 11.60 -30.31
CA GLN A 33 9.84 10.74 -30.98
C GLN A 33 11.23 10.91 -30.38
N LYS A 34 11.67 12.16 -30.23
CA LYS A 34 13.01 12.39 -29.69
C LYS A 34 13.08 12.00 -28.22
N GLN A 35 12.02 12.27 -27.46
CA GLN A 35 12.00 11.84 -26.05
C GLN A 35 12.10 10.33 -25.97
N LEU A 36 11.31 9.62 -26.77
CA LEU A 36 11.34 8.17 -26.73
C LEU A 36 12.74 7.66 -27.07
N LEU A 37 13.28 8.09 -28.19
CA LEU A 37 14.47 7.44 -28.74
C LEU A 37 15.77 8.00 -28.20
N ASP A 38 15.80 9.27 -27.79
CA ASP A 38 17.03 9.86 -27.30
C ASP A 38 17.09 10.02 -25.79
N ASP A 39 16.00 9.81 -25.08
CA ASP A 39 15.95 10.02 -23.64
C ASP A 39 15.43 8.79 -22.93
N THR A 40 14.21 8.36 -23.25
CA THR A 40 13.56 7.31 -22.48
C THR A 40 14.20 5.95 -22.72
N VAL A 41 14.31 5.53 -23.97
CA VAL A 41 14.84 4.19 -24.24
C VAL A 41 16.31 4.08 -23.86
N PRO A 42 17.12 5.09 -24.13
CA PRO A 42 18.55 4.99 -23.76
C PRO A 42 18.79 4.92 -22.27
N PHE A 43 17.89 5.48 -21.46
CA PHE A 43 18.04 5.31 -20.02
C PHE A 43 18.04 3.83 -19.66
N TRP A 44 17.21 3.03 -20.31
CA TRP A 44 17.07 1.62 -19.99
C TRP A 44 17.99 0.71 -20.79
N PHE A 45 18.11 0.93 -22.10
CA PHE A 45 18.74 -0.03 -22.98
C PHE A 45 19.85 0.60 -23.82
N PRO A 46 20.91 -0.14 -24.10
CA PRO A 46 21.08 -1.56 -23.78
C PRO A 46 21.58 -1.88 -22.36
N ARG A 47 21.82 -0.87 -21.52
CA ARG A 47 22.53 -1.14 -20.29
C ARG A 47 21.77 -2.07 -19.34
N SER A 48 20.46 -2.12 -19.44
CA SER A 48 19.67 -2.94 -18.53
C SER A 48 19.63 -4.40 -18.93
N ILE A 49 20.10 -4.76 -20.12
CA ILE A 49 20.09 -6.16 -20.55
C ILE A 49 21.09 -6.91 -19.69
N ASP A 50 20.61 -7.93 -18.99
CA ASP A 50 21.45 -8.75 -18.10
C ASP A 50 22.11 -9.82 -18.93
N ARG A 51 23.38 -9.60 -19.30
CA ARG A 51 24.07 -10.53 -20.19
C ARG A 51 24.41 -11.83 -19.50
N GLU A 52 24.68 -11.77 -18.19
CA GLU A 52 25.09 -12.95 -17.45
C GLU A 52 23.93 -13.89 -17.21
N PHE A 53 22.78 -13.38 -16.82
CA PHE A 53 21.65 -14.23 -16.46
C PHE A 53 20.44 -14.10 -17.37
N GLY A 54 20.41 -13.14 -18.29
CA GLY A 54 19.24 -12.94 -19.12
C GLY A 54 18.20 -12.06 -18.45
N GLY A 55 17.26 -11.59 -19.26
CA GLY A 55 16.30 -10.65 -18.78
C GLY A 55 16.99 -9.31 -18.52
N TYR A 56 16.37 -8.51 -17.65
CA TYR A 56 16.69 -7.10 -17.54
C TYR A 56 16.85 -6.69 -16.08
N LEU A 57 17.87 -5.87 -15.82
CA LEU A 57 18.09 -5.26 -14.53
C LEU A 57 17.49 -3.87 -14.61
N LEU A 58 16.32 -3.68 -13.99
CA LEU A 58 15.51 -2.51 -14.20
C LEU A 58 15.19 -1.72 -12.95
N MET A 59 15.65 -2.14 -11.78
CA MET A 59 15.28 -1.45 -10.55
C MET A 59 16.37 -0.43 -10.25
N ARG A 60 16.23 0.75 -10.84
CA ARG A 60 17.30 1.72 -10.93
C ARG A 60 16.92 3.02 -10.25
N ASP A 61 17.90 3.65 -9.63
CA ASP A 61 17.74 4.96 -9.02
C ASP A 61 17.80 6.03 -10.09
N GLN A 62 17.68 7.29 -9.65
N GLN A 62 17.65 7.28 -9.64
CA GLN A 62 17.58 8.40 -10.60
CA GLN A 62 17.61 8.44 -10.54
C GLN A 62 18.79 8.47 -11.51
C GLN A 62 18.78 8.42 -11.52
N ASP A 63 19.97 8.07 -11.02
CA ASP A 63 21.20 8.15 -11.80
C ASP A 63 21.47 6.87 -12.57
N GLY A 64 20.51 5.96 -12.63
CA GLY A 64 20.68 4.70 -13.32
C GLY A 64 21.28 3.59 -12.49
N SER A 65 21.81 3.87 -11.31
CA SER A 65 22.41 2.83 -10.50
C SER A 65 21.33 1.91 -9.93
N LEU A 66 21.71 0.66 -9.72
CA LEU A 66 20.75 -0.33 -9.26
C LEU A 66 20.46 -0.16 -7.78
N ILE A 67 19.18 -0.23 -7.42
CA ILE A 67 18.77 -0.35 -6.03
C ILE A 67 18.45 -1.78 -5.66
N ASP A 68 18.42 -2.69 -6.64
CA ASP A 68 18.06 -4.08 -6.44
C ASP A 68 18.38 -4.80 -7.75
N ASP A 69 18.76 -6.07 -7.65
CA ASP A 69 18.97 -6.88 -8.84
C ASP A 69 17.85 -7.90 -9.06
N ASP A 70 16.74 -7.76 -8.34
CA ASP A 70 15.57 -8.62 -8.56
C ASP A 70 14.92 -8.30 -9.90
N LYS A 71 14.02 -9.17 -10.33
CA LYS A 71 13.32 -9.05 -11.60
C LYS A 71 11.82 -9.25 -11.39
N ALA A 72 11.03 -8.22 -11.72
CA ALA A 72 9.58 -8.31 -11.71
C ALA A 72 9.15 -8.95 -13.03
N VAL A 73 8.49 -10.11 -12.93
CA VAL A 73 8.19 -10.92 -14.11
C VAL A 73 7.32 -10.16 -15.09
N TRP A 74 6.33 -9.40 -14.57
CA TRP A 74 5.50 -8.55 -15.42
C TRP A 74 6.34 -7.62 -16.27
N ILE A 75 7.33 -6.99 -15.64
CA ILE A 75 8.13 -5.97 -16.30
C ILE A 75 9.13 -6.61 -17.25
N GLN A 76 9.61 -7.82 -16.95
CA GLN A 76 10.40 -8.55 -17.93
C GLN A 76 9.60 -8.71 -19.22
N GLY A 77 8.33 -9.09 -19.10
CA GLY A 77 7.50 -9.23 -20.27
C GLY A 77 7.20 -7.91 -20.94
N ARG A 78 6.87 -6.89 -20.14
CA ARG A 78 6.63 -5.56 -20.69
C ARG A 78 7.85 -5.05 -21.45
N ALA A 79 9.05 -5.24 -20.88
CA ALA A 79 10.26 -4.75 -21.54
C ALA A 79 10.52 -5.50 -22.84
N ALA A 80 10.32 -6.83 -22.83
CA ALA A 80 10.48 -7.59 -24.05
C ALA A 80 9.47 -7.15 -25.10
N TRP A 81 8.24 -6.87 -24.68
CA TRP A 81 7.25 -6.33 -25.60
C TRP A 81 7.71 -5.01 -26.18
N LEU A 82 8.26 -4.15 -25.34
CA LEU A 82 8.64 -2.82 -25.82
C LEU A 82 9.75 -2.94 -26.85
N LEU A 83 10.77 -3.73 -26.55
CA LEU A 83 11.90 -3.85 -27.47
C LEU A 83 11.47 -4.44 -28.80
N SER A 84 10.64 -5.48 -28.77
CA SER A 84 10.12 -6.06 -29.99
C SER A 84 9.29 -5.04 -30.75
N THR A 85 8.47 -4.26 -30.04
CA THR A 85 7.61 -3.28 -30.67
C THR A 85 8.42 -2.18 -31.34
N LEU A 86 9.48 -1.71 -30.68
CA LEU A 86 10.39 -0.74 -31.31
C LEU A 86 11.00 -1.32 -32.57
N TYR A 87 11.45 -2.58 -32.51
CA TYR A 87 12.00 -3.25 -33.68
C TYR A 87 10.99 -3.31 -34.80
N ASN A 88 9.71 -3.57 -34.48
CA ASN A 88 8.72 -3.82 -35.52
C ASN A 88 8.20 -2.52 -36.12
N THR A 89 8.21 -1.43 -35.38
CA THR A 89 7.50 -0.23 -35.79
C THR A 89 8.37 1.01 -35.89
N VAL A 90 9.60 0.96 -35.40
CA VAL A 90 10.47 2.14 -35.39
C VAL A 90 11.70 1.88 -36.23
N GLU A 91 12.51 0.90 -35.85
CA GLU A 91 13.75 0.63 -36.56
C GLU A 91 14.20 -0.78 -36.25
N GLN A 92 14.61 -1.52 -37.29
CA GLN A 92 15.01 -2.91 -37.12
C GLN A 92 16.45 -2.99 -36.61
N LYS A 93 16.64 -2.47 -35.39
CA LYS A 93 17.93 -2.50 -34.74
C LYS A 93 18.18 -3.88 -34.14
N GLN A 94 19.30 -4.50 -34.50
CA GLN A 94 19.59 -5.83 -33.99
C GLN A 94 19.62 -5.85 -32.47
N GLU A 95 20.15 -4.79 -31.85
CA GLU A 95 20.27 -4.80 -30.40
C GLU A 95 18.91 -4.83 -29.72
N TRP A 96 17.89 -4.26 -30.36
CA TRP A 96 16.55 -4.34 -29.76
C TRP A 96 16.00 -5.75 -29.90
N LEU A 97 16.23 -6.40 -31.05
CA LEU A 97 15.78 -7.78 -31.20
C LEU A 97 16.49 -8.69 -30.20
N ASP A 98 17.82 -8.56 -30.11
CA ASP A 98 18.57 -9.37 -29.15
C ASP A 98 18.08 -9.10 -27.74
N GLY A 99 17.81 -7.85 -27.41
CA GLY A 99 17.32 -7.53 -26.09
C GLY A 99 15.98 -8.16 -25.81
N ALA A 100 15.07 -8.13 -26.80
CA ALA A 100 13.78 -8.77 -26.65
C ALA A 100 13.93 -10.26 -26.43
N LYS A 101 14.82 -10.91 -27.20
CA LYS A 101 15.04 -12.35 -27.07
C LYS A 101 15.52 -12.69 -25.68
N SER A 102 16.39 -11.84 -25.10
CA SER A 102 16.91 -12.12 -23.77
C SER A 102 15.78 -12.19 -22.75
N GLY A 103 14.78 -11.34 -22.88
CA GLY A 103 13.65 -11.37 -21.96
C GLY A 103 12.75 -12.56 -22.21
N ILE A 104 12.44 -12.83 -23.48
CA ILE A 104 11.63 -14.01 -23.82
C ILE A 104 12.27 -15.26 -23.24
N ASP A 105 13.58 -15.42 -23.46
CA ASP A 105 14.28 -16.61 -22.97
C ASP A 105 14.26 -16.66 -21.46
N PHE A 106 14.38 -15.50 -20.82
CA PHE A 106 14.37 -15.47 -19.36
C PHE A 106 13.00 -15.87 -18.82
N LEU A 107 11.95 -15.40 -19.48
CA LEU A 107 10.60 -15.79 -19.09
C LEU A 107 10.42 -17.29 -19.22
N ASN A 108 10.84 -17.87 -20.35
CA ASN A 108 10.63 -19.29 -20.57
C ASN A 108 11.49 -20.16 -19.67
N ARG A 109 12.70 -19.69 -19.34
N ARG A 109 12.70 -19.69 -19.35
CA ARG A 109 13.63 -20.54 -18.60
CA ARG A 109 13.64 -20.51 -18.61
C ARG A 109 13.39 -20.50 -17.11
C ARG A 109 13.37 -20.50 -17.11
N HIS A 110 12.90 -19.39 -16.57
CA HIS A 110 12.81 -19.22 -15.12
C HIS A 110 11.46 -18.81 -14.57
N CYS A 111 10.54 -18.29 -15.36
CA CYS A 111 9.40 -17.59 -14.81
C CYS A 111 8.12 -18.40 -14.81
N PHE A 112 8.19 -19.67 -15.15
CA PHE A 112 7.05 -20.57 -15.11
C PHE A 112 7.27 -21.62 -14.03
N ASP A 113 6.28 -21.80 -13.17
CA ASP A 113 6.32 -22.86 -12.17
C ASP A 113 6.02 -24.20 -12.84
N THR A 114 6.22 -25.28 -12.07
CA THR A 114 6.02 -26.62 -12.63
C THR A 114 4.58 -26.82 -13.08
N ASP A 115 3.64 -26.10 -12.48
CA ASP A 115 2.23 -26.23 -12.83
C ASP A 115 1.83 -25.37 -14.02
N GLY A 116 2.80 -24.76 -14.70
CA GLY A 116 2.51 -23.95 -15.86
C GLY A 116 2.12 -22.52 -15.56
N GLN A 117 2.00 -22.16 -14.28
CA GLN A 117 1.65 -20.80 -13.89
C GLN A 117 2.92 -19.98 -13.70
N MET A 118 2.82 -18.71 -14.02
CA MET A 118 3.99 -17.84 -13.99
C MET A 118 4.19 -17.26 -12.60
N PHE A 119 5.46 -17.08 -12.25
CA PHE A 119 5.83 -16.33 -11.06
C PHE A 119 5.59 -14.84 -11.28
N PHE A 120 5.57 -14.10 -10.17
CA PHE A 120 5.40 -12.67 -10.21
C PHE A 120 6.70 -11.91 -9.98
N HIS A 121 7.60 -12.48 -9.19
CA HIS A 121 8.78 -11.79 -8.68
C HIS A 121 9.86 -12.85 -8.53
N VAL A 122 11.00 -12.65 -9.19
CA VAL A 122 12.09 -13.61 -9.13
C VAL A 122 13.40 -12.84 -8.87
N THR A 123 14.43 -13.60 -8.51
CA THR A 123 15.76 -13.07 -8.29
C THR A 123 16.46 -12.84 -9.62
N ARG A 124 17.64 -12.23 -9.54
CA ARG A 124 18.43 -11.98 -10.74
C ARG A 124 18.62 -13.26 -11.52
N ASP A 125 18.98 -14.36 -10.84
CA ASP A 125 19.24 -15.62 -11.51
C ASP A 125 18.00 -16.49 -11.68
N GLY A 126 16.82 -15.95 -11.46
CA GLY A 126 15.58 -16.61 -11.80
C GLY A 126 14.96 -17.46 -10.73
N GLN A 127 15.38 -17.32 -9.50
CA GLN A 127 14.76 -18.10 -8.45
C GLN A 127 13.49 -17.42 -7.98
N PRO A 128 12.43 -18.17 -7.70
CA PRO A 128 11.14 -17.54 -7.40
C PRO A 128 11.11 -16.89 -6.02
N ILE A 129 10.64 -15.66 -5.97
N ILE A 129 10.64 -15.66 -5.97
CA ILE A 129 10.40 -14.96 -4.72
CA ILE A 129 10.40 -14.97 -4.71
C ILE A 129 8.92 -14.96 -4.38
C ILE A 129 8.91 -14.96 -4.38
N ARG A 130 8.08 -14.55 -5.32
CA ARG A 130 6.65 -14.51 -5.14
C ARG A 130 5.94 -15.13 -6.33
N LYS A 131 4.88 -15.87 -6.05
CA LYS A 131 3.94 -16.36 -7.06
C LYS A 131 2.57 -15.81 -6.71
N ARG A 132 1.92 -15.16 -7.66
CA ARG A 132 0.58 -14.62 -7.47
C ARG A 132 -0.44 -15.46 -8.24
N ARG A 133 -1.61 -15.65 -7.63
CA ARG A 133 -2.67 -16.44 -8.24
C ARG A 133 -3.12 -15.85 -9.57
N TYR A 134 -2.97 -14.54 -9.71
CA TYR A 134 -3.22 -13.80 -10.93
C TYR A 134 -2.77 -14.49 -12.22
N TYR A 135 -3.32 -14.03 -13.35
CA TYR A 135 -2.80 -14.35 -14.68
C TYR A 135 -2.28 -13.11 -15.39
N PHE A 136 -1.97 -12.04 -14.65
CA PHE A 136 -1.52 -10.82 -15.30
C PHE A 136 -0.09 -11.00 -15.82
N SER A 137 0.75 -11.75 -15.11
CA SER A 137 2.06 -12.11 -15.66
C SER A 137 1.88 -12.77 -17.01
N GLU A 138 0.88 -13.64 -17.13
CA GLU A 138 0.66 -14.35 -18.38
C GLU A 138 0.26 -13.40 -19.49
N THR A 139 -0.55 -12.37 -19.18
CA THR A 139 -0.99 -11.46 -20.24
C THR A 139 0.21 -10.70 -20.81
N PHE A 140 1.19 -10.36 -19.97
CA PHE A 140 2.36 -9.67 -20.49
C PHE A 140 3.29 -10.63 -21.22
N ALA A 141 3.27 -11.92 -20.86
CA ALA A 141 3.97 -12.90 -21.67
C ALA A 141 3.33 -13.07 -23.04
N VAL A 142 2.00 -12.94 -23.12
CA VAL A 142 1.31 -13.03 -24.40
C VAL A 142 1.78 -11.91 -25.32
N ILE A 143 1.69 -10.66 -24.86
CA ILE A 143 2.02 -9.54 -25.74
C ILE A 143 3.51 -9.55 -26.06
N ALA A 144 4.36 -9.95 -25.11
CA ALA A 144 5.79 -10.02 -25.37
C ALA A 144 6.10 -11.08 -26.43
N ASN A 145 5.52 -12.26 -26.28
CA ASN A 145 5.77 -13.33 -27.24
C ASN A 145 5.14 -13.02 -28.59
N ALA A 146 3.98 -12.36 -28.60
CA ALA A 146 3.33 -11.99 -29.85
C ALA A 146 4.21 -11.00 -30.62
N ALA A 147 4.66 -9.95 -29.93
CA ALA A 147 5.46 -8.96 -30.61
C ALA A 147 6.80 -9.54 -31.03
N TYR A 148 7.39 -10.38 -30.17
CA TYR A 148 8.67 -10.98 -30.52
C TYR A 148 8.53 -11.94 -31.69
N ALA A 149 7.43 -12.71 -31.74
CA ALA A 149 7.19 -13.60 -32.87
C ALA A 149 7.13 -12.82 -34.17
N LYS A 150 6.49 -11.66 -34.15
CA LYS A 150 6.44 -10.83 -35.35
C LYS A 150 7.83 -10.35 -35.72
N ALA A 151 8.63 -9.96 -34.72
CA ALA A 151 9.94 -9.38 -35.00
C ALA A 151 10.91 -10.43 -35.51
N SER A 152 10.82 -11.65 -34.98
CA SER A 152 11.83 -12.66 -35.23
C SER A 152 11.36 -13.80 -36.13
N GLY A 153 10.06 -13.94 -36.35
CA GLY A 153 9.55 -15.09 -37.04
C GLY A 153 9.60 -16.37 -36.24
N ASP A 154 9.78 -16.28 -34.93
CA ASP A 154 9.89 -17.46 -34.07
C ASP A 154 8.50 -18.07 -33.90
N GLU A 155 8.30 -19.26 -34.46
CA GLU A 155 6.98 -19.89 -34.41
C GLU A 155 6.66 -20.40 -33.00
N ALA A 156 7.68 -20.74 -32.22
CA ALA A 156 7.41 -21.16 -30.84
C ALA A 156 6.81 -20.02 -30.03
N ALA A 157 7.32 -18.81 -30.22
CA ALA A 157 6.78 -17.67 -29.50
C ALA A 157 5.35 -17.38 -29.95
N ALA A 158 5.06 -17.51 -31.25
CA ALA A 158 3.69 -17.35 -31.71
C ALA A 158 2.77 -18.36 -31.05
N LYS A 159 3.17 -19.64 -31.04
CA LYS A 159 2.32 -20.67 -30.44
C LYS A 159 2.11 -20.41 -28.95
N GLN A 160 3.19 -20.04 -28.25
CA GLN A 160 3.03 -19.74 -26.83
C GLN A 160 2.08 -18.56 -26.61
N ALA A 161 2.20 -17.52 -27.43
CA ALA A 161 1.34 -16.36 -27.26
C ALA A 161 -0.12 -16.74 -27.43
N ARG A 162 -0.42 -17.58 -28.43
CA ARG A 162 -1.82 -17.95 -28.67
C ARG A 162 -2.32 -18.94 -27.64
N TYR A 163 -1.46 -19.83 -27.15
CA TYR A 163 -1.84 -20.73 -26.09
C TYR A 163 -2.18 -19.97 -24.82
N LEU A 164 -1.27 -19.12 -24.35
CA LEU A 164 -1.50 -18.39 -23.12
C LEU A 164 -2.68 -17.44 -23.25
N PHE A 165 -2.92 -16.90 -24.44
CA PHE A 165 -4.09 -16.07 -24.63
C PHE A 165 -5.35 -16.83 -24.25
N GLY A 166 -5.47 -18.06 -24.72
CA GLY A 166 -6.62 -18.88 -24.36
C GLY A 166 -6.70 -19.15 -22.88
N LYS A 167 -5.56 -19.42 -22.24
CA LYS A 167 -5.56 -19.63 -20.81
C LYS A 167 -6.02 -18.37 -20.08
N CYS A 168 -5.59 -17.22 -20.57
CA CYS A 168 -6.02 -15.95 -19.99
C CYS A 168 -7.50 -15.72 -20.19
N ILE A 169 -8.00 -16.02 -21.40
CA ILE A 169 -9.44 -15.97 -21.61
C ILE A 169 -10.14 -16.86 -20.60
N GLU A 170 -9.65 -18.11 -20.46
CA GLU A 170 -10.25 -19.06 -19.56
C GLU A 170 -10.36 -18.48 -18.15
N TYR A 171 -9.24 -18.01 -17.62
CA TYR A 171 -9.26 -17.43 -16.28
C TYR A 171 -10.17 -16.22 -16.22
N SER A 172 -10.23 -15.43 -17.30
CA SER A 172 -11.04 -14.21 -17.29
C SER A 172 -12.52 -14.53 -17.15
N THR A 173 -12.97 -15.68 -17.65
CA THR A 173 -14.36 -16.06 -17.45
C THR A 173 -14.63 -16.40 -15.98
N ASN A 174 -13.61 -16.87 -15.27
CA ASN A 174 -13.72 -17.30 -13.87
C ASN A 174 -12.58 -16.69 -13.05
N PRO A 175 -12.57 -15.36 -12.87
CA PRO A 175 -11.41 -14.87 -12.09
C PRO A 175 -11.52 -15.22 -10.61
N GLY A 184 -15.22 -14.57 1.55
CA GLY A 184 -15.63 -14.07 0.25
C GLY A 184 -17.14 -13.94 0.13
N THR A 185 -17.75 -13.24 1.08
CA THR A 185 -19.19 -13.01 1.10
C THR A 185 -19.58 -11.71 0.38
N ARG A 186 -18.62 -11.00 -0.17
CA ARG A 186 -18.87 -9.74 -0.88
C ARG A 186 -18.20 -9.88 -2.23
N PRO A 187 -18.79 -10.64 -3.14
CA PRO A 187 -18.19 -10.79 -4.47
C PRO A 187 -18.09 -9.46 -5.20
N ALA A 188 -16.97 -9.27 -5.87
CA ALA A 188 -16.74 -8.06 -6.67
C ALA A 188 -16.00 -8.47 -7.92
N LYS A 189 -16.30 -7.78 -9.01
CA LYS A 189 -15.55 -7.91 -10.25
C LYS A 189 -14.84 -6.59 -10.54
N GLY A 190 -13.64 -6.68 -11.08
CA GLY A 190 -12.77 -5.52 -11.30
C GLY A 190 -12.63 -5.19 -12.77
N ILE A 191 -12.51 -3.89 -13.06
CA ILE A 191 -12.44 -3.44 -14.43
C ILE A 191 -11.12 -3.84 -15.06
N GLY A 192 -10.10 -4.16 -14.25
CA GLY A 192 -8.78 -4.45 -14.79
C GLY A 192 -8.72 -5.71 -15.62
N VAL A 193 -9.60 -6.66 -15.37
CA VAL A 193 -9.63 -7.91 -16.13
C VAL A 193 -10.03 -7.62 -17.57
N PRO A 194 -11.23 -7.13 -17.84
CA PRO A 194 -11.58 -6.82 -19.23
C PRO A 194 -10.61 -5.85 -19.86
N MET A 195 -10.08 -4.89 -19.08
CA MET A 195 -9.17 -3.91 -19.66
C MET A 195 -7.90 -4.56 -20.15
N ILE A 196 -7.24 -5.34 -19.28
CA ILE A 196 -5.96 -5.93 -19.65
C ILE A 196 -6.15 -6.94 -20.76
N MET A 197 -7.26 -7.68 -20.73
CA MET A 197 -7.55 -8.65 -21.77
C MET A 197 -7.80 -7.96 -23.11
N MET A 198 -8.49 -6.81 -23.10
CA MET A 198 -8.68 -6.06 -24.32
C MET A 198 -7.35 -5.65 -24.92
N ASN A 199 -6.45 -5.07 -24.10
CA ASN A 199 -5.19 -4.59 -24.64
C ASN A 199 -4.34 -5.76 -25.10
N THR A 200 -4.37 -6.87 -24.36
CA THR A 200 -3.67 -8.08 -24.77
C THR A 200 -4.17 -8.53 -26.13
N ALA A 201 -5.49 -8.55 -26.31
CA ALA A 201 -6.07 -8.99 -27.57
C ALA A 201 -5.72 -8.02 -28.69
N GLN A 202 -5.72 -6.73 -28.41
CA GLN A 202 -5.34 -5.75 -29.40
C GLN A 202 -3.90 -5.98 -29.85
N GLN A 203 -2.99 -6.18 -28.88
CA GLN A 203 -1.59 -6.37 -29.24
C GLN A 203 -1.40 -7.67 -29.99
N LEU A 204 -2.14 -8.72 -29.63
CA LEU A 204 -2.06 -9.98 -30.37
C LEU A 204 -2.51 -9.78 -31.81
N ARG A 205 -3.60 -9.04 -32.00
CA ARG A 205 -4.11 -8.78 -33.32
C ARG A 205 -3.10 -8.01 -34.17
N GLU A 206 -2.50 -6.98 -33.59
CA GLU A 206 -1.65 -6.07 -34.33
C GLU A 206 -0.26 -6.63 -34.58
N THR A 207 0.07 -7.79 -34.03
CA THR A 207 1.38 -8.39 -34.25
C THR A 207 1.24 -9.64 -35.11
N ILE A 208 0.77 -10.73 -34.53
CA ILE A 208 0.69 -11.99 -35.25
C ILE A 208 -0.73 -12.39 -35.62
N GLY A 209 -1.74 -11.80 -34.98
CA GLY A 209 -3.12 -12.13 -35.27
C GLY A 209 -3.57 -13.37 -34.52
N ASP A 210 -4.88 -13.42 -34.29
CA ASP A 210 -5.54 -14.56 -33.67
C ASP A 210 -7.04 -14.43 -33.91
N PRO A 211 -7.73 -15.50 -34.33
CA PRO A 211 -9.13 -15.34 -34.74
C PRO A 211 -10.06 -15.01 -33.58
N ARG A 212 -9.60 -15.11 -32.33
CA ARG A 212 -10.47 -14.83 -31.19
C ARG A 212 -10.51 -13.36 -30.80
N CYS A 213 -9.59 -12.54 -31.32
CA CYS A 213 -9.39 -11.20 -30.79
C CYS A 213 -10.65 -10.34 -30.85
N ASP A 214 -11.22 -10.18 -32.05
CA ASP A 214 -12.27 -9.19 -32.21
C ASP A 214 -13.52 -9.55 -31.41
N GLU A 215 -13.90 -10.84 -31.38
N GLU A 215 -13.90 -10.82 -31.40
CA GLU A 215 -15.13 -11.22 -30.69
CA GLU A 215 -15.13 -11.20 -30.69
C GLU A 215 -14.99 -11.05 -29.18
C GLU A 215 -14.97 -10.99 -29.19
N TRP A 216 -13.81 -11.35 -28.64
CA TRP A 216 -13.63 -11.20 -27.19
C TRP A 216 -13.46 -9.74 -26.79
N ILE A 217 -12.79 -8.94 -27.61
CA ILE A 217 -12.75 -7.52 -27.33
C ILE A 217 -14.16 -6.96 -27.24
N ASP A 218 -15.05 -7.39 -28.15
CA ASP A 218 -16.44 -6.97 -28.08
C ASP A 218 -17.04 -7.31 -26.72
N LYS A 219 -16.81 -8.53 -26.26
N LYS A 219 -16.78 -8.53 -26.24
CA LYS A 219 -17.35 -8.94 -24.95
CA LYS A 219 -17.33 -8.95 -24.96
C LYS A 219 -16.77 -8.07 -23.84
C LYS A 219 -16.76 -8.12 -23.81
N TRP A 220 -15.47 -7.81 -23.88
CA TRP A 220 -14.84 -7.04 -22.80
C TRP A 220 -15.26 -5.59 -22.81
N ILE A 221 -15.45 -5.01 -24.00
CA ILE A 221 -16.00 -3.65 -24.05
C ILE A 221 -17.41 -3.63 -23.49
N ASN A 222 -18.22 -4.62 -23.88
N ASN A 222 -18.23 -4.62 -23.88
CA ASN A 222 -19.60 -4.67 -23.38
CA ASN A 222 -19.59 -4.67 -23.37
C ASN A 222 -19.63 -4.82 -21.87
C ASN A 222 -19.60 -4.76 -21.85
N GLU A 223 -18.69 -5.59 -21.30
N GLU A 223 -18.73 -5.59 -21.29
CA GLU A 223 -18.62 -5.73 -19.85
CA GLU A 223 -18.66 -5.71 -19.84
C GLU A 223 -18.28 -4.40 -19.19
C GLU A 223 -18.29 -4.38 -19.19
N ILE A 224 -17.28 -3.69 -19.74
CA ILE A 224 -16.92 -2.39 -19.20
C ILE A 224 -18.11 -1.45 -19.25
N GLU A 225 -18.78 -1.37 -20.40
CA GLU A 225 -19.90 -0.43 -20.53
C GLU A 225 -21.04 -0.80 -19.60
N THR A 226 -21.39 -2.08 -19.58
CA THR A 226 -22.60 -2.51 -18.86
C THR A 226 -22.44 -2.42 -17.35
N TYR A 227 -21.29 -2.82 -16.83
CA TYR A 227 -21.12 -2.95 -15.39
C TYR A 227 -20.35 -1.81 -14.74
N PHE A 228 -19.43 -1.16 -15.44
CA PHE A 228 -18.50 -0.25 -14.77
C PHE A 228 -18.70 1.21 -15.09
N VAL A 229 -19.35 1.54 -16.21
CA VAL A 229 -19.56 2.93 -16.59
C VAL A 229 -20.94 3.34 -16.06
N LYS A 230 -20.97 4.34 -15.20
CA LYS A 230 -22.21 4.82 -14.57
C LYS A 230 -22.50 6.23 -15.08
N ASP A 231 -23.42 6.35 -16.02
CA ASP A 231 -23.67 7.65 -16.64
C ASP A 231 -24.42 8.59 -15.71
N ASP A 232 -25.29 8.07 -14.84
CA ASP A 232 -26.11 8.96 -14.02
C ASP A 232 -25.24 9.72 -13.03
N ILE A 233 -24.17 9.10 -12.52
CA ILE A 233 -23.25 9.76 -11.61
C ILE A 233 -21.95 10.16 -12.30
N ARG A 234 -21.84 9.97 -13.60
CA ARG A 234 -20.65 10.33 -14.39
C ARG A 234 -19.38 9.76 -13.74
N CYS A 235 -19.31 8.43 -13.73
CA CYS A 235 -18.23 7.74 -13.07
C CYS A 235 -17.90 6.44 -13.78
N VAL A 236 -16.63 6.05 -13.72
CA VAL A 236 -16.19 4.73 -14.11
C VAL A 236 -15.71 4.07 -12.83
N MET A 237 -16.30 2.92 -12.50
CA MET A 237 -15.95 2.20 -11.28
C MET A 237 -14.70 1.36 -11.48
N GLU A 238 -14.00 1.09 -10.37
CA GLU A 238 -12.91 0.12 -10.38
C GLU A 238 -13.45 -1.29 -10.14
N GLN A 239 -14.39 -1.42 -9.21
CA GLN A 239 -15.02 -2.69 -8.95
C GLN A 239 -16.49 -2.47 -8.68
N VAL A 240 -17.27 -3.50 -9.00
CA VAL A 240 -18.70 -3.50 -8.76
C VAL A 240 -19.08 -4.89 -8.31
N ALA A 241 -20.30 -5.02 -7.81
CA ALA A 241 -20.87 -6.32 -7.49
C ALA A 241 -21.14 -7.05 -8.80
N PRO A 242 -21.39 -8.36 -8.74
CA PRO A 242 -21.58 -9.11 -9.99
C PRO A 242 -22.77 -8.65 -10.81
N ASP A 243 -23.77 -8.01 -10.20
CA ASP A 243 -24.89 -7.46 -10.95
C ASP A 243 -24.63 -6.03 -11.43
N GLY A 244 -23.43 -5.51 -11.19
CA GLY A 244 -23.09 -4.16 -11.58
C GLY A 244 -23.33 -3.10 -10.51
N SER A 245 -23.98 -3.45 -9.41
CA SER A 245 -24.30 -2.45 -8.40
C SER A 245 -23.03 -2.00 -7.67
N ILE A 246 -23.04 -0.75 -7.22
CA ILE A 246 -21.91 -0.18 -6.53
C ILE A 246 -21.83 -0.82 -5.15
N ILE A 247 -20.63 -1.20 -4.75
CA ILE A 247 -20.38 -1.75 -3.43
C ILE A 247 -20.04 -0.57 -2.54
N ASP A 248 -20.95 -0.21 -1.63
CA ASP A 248 -20.81 0.98 -0.81
C ASP A 248 -19.97 0.69 0.44
N HIS A 249 -18.71 0.35 0.21
CA HIS A 249 -17.73 0.14 1.27
C HIS A 249 -16.42 0.71 0.75
N ILE A 250 -15.46 0.86 1.67
CA ILE A 250 -14.24 1.61 1.36
C ILE A 250 -13.61 1.14 0.06
N ASP A 251 -13.37 -0.16 -0.06
CA ASP A 251 -12.71 -0.67 -1.26
C ASP A 251 -13.58 -0.48 -2.49
N GLY A 252 -14.86 -0.85 -2.41
CA GLY A 252 -15.72 -0.78 -3.57
C GLY A 252 -15.94 0.63 -4.07
N ARG A 253 -15.82 1.63 -3.19
CA ARG A 253 -16.00 3.02 -3.59
C ARG A 253 -14.75 3.62 -4.21
N THR A 254 -13.62 2.95 -4.13
CA THR A 254 -12.35 3.57 -4.50
C THR A 254 -12.22 3.53 -6.01
N LEU A 255 -12.01 4.70 -6.59
CA LEU A 255 -11.83 4.89 -8.01
C LEU A 255 -10.36 5.12 -8.31
N ASN A 256 -9.99 4.82 -9.54
CA ASN A 256 -8.65 5.11 -10.04
C ASN A 256 -8.82 5.78 -11.39
N PRO A 257 -8.81 7.12 -11.43
CA PRO A 257 -9.05 7.82 -12.70
C PRO A 257 -8.07 7.45 -13.80
N GLY A 258 -6.79 7.34 -13.49
CA GLY A 258 -5.81 6.98 -14.49
C GLY A 258 -6.06 5.62 -15.08
N HIS A 259 -6.44 4.66 -14.25
CA HIS A 259 -6.79 3.32 -14.73
C HIS A 259 -8.03 3.35 -15.62
N ALA A 260 -9.06 4.09 -15.24
CA ALA A 260 -10.25 4.20 -16.07
C ALA A 260 -9.93 4.87 -17.40
N ILE A 261 -9.07 5.87 -17.39
CA ILE A 261 -8.75 6.59 -18.63
C ILE A 261 -7.83 5.73 -19.49
N GLU A 262 -7.06 4.85 -18.88
CA GLU A 262 -6.33 3.85 -19.66
C GLU A 262 -7.29 2.97 -20.46
N GLY A 263 -8.36 2.50 -19.80
CA GLY A 263 -9.37 1.73 -20.51
C GLY A 263 -10.08 2.55 -21.57
N ALA A 264 -10.33 3.82 -21.27
CA ALA A 264 -10.98 4.69 -22.25
C ALA A 264 -10.21 4.75 -23.56
N TRP A 265 -8.89 4.83 -23.50
CA TRP A 265 -8.14 4.93 -24.74
C TRP A 265 -7.94 3.58 -25.39
N PHE A 266 -7.92 2.49 -24.61
CA PHE A 266 -8.03 1.19 -25.25
C PHE A 266 -9.28 1.13 -26.12
N ILE A 267 -10.38 1.71 -25.64
CA ILE A 267 -11.64 1.67 -26.39
C ILE A 267 -11.61 2.63 -27.56
N LEU A 268 -11.04 3.83 -27.38
CA LEU A 268 -10.87 4.72 -28.52
C LEU A 268 -9.95 4.11 -29.57
N HIS A 269 -8.93 3.41 -29.12
CA HIS A 269 -8.07 2.68 -30.05
C HIS A 269 -8.89 1.69 -30.85
N GLU A 270 -9.73 0.91 -30.15
CA GLU A 270 -10.58 -0.05 -30.85
C GLU A 270 -11.54 0.67 -31.79
N ALA A 271 -12.04 1.84 -31.38
CA ALA A 271 -12.96 2.58 -32.24
C ALA A 271 -12.33 2.87 -33.59
N LYS A 272 -11.06 3.28 -33.61
CA LYS A 272 -10.39 3.56 -34.87
C LYS A 272 -10.26 2.32 -35.71
N TYR A 273 -9.84 1.21 -35.11
CA TYR A 273 -9.73 -0.04 -35.83
C TYR A 273 -11.06 -0.42 -36.46
N ARG A 274 -12.16 -0.20 -35.74
CA ARG A 274 -13.51 -0.50 -36.23
C ARG A 274 -14.08 0.63 -37.05
N ASN A 275 -13.24 1.28 -37.87
CA ASN A 275 -13.70 2.29 -38.83
C ASN A 275 -14.40 3.45 -38.13
N ASN A 276 -13.79 3.91 -37.04
CA ASN A 276 -14.28 5.05 -36.27
C ASN A 276 -15.73 4.84 -35.85
N ASP A 277 -15.97 3.72 -35.18
N ASP A 277 -15.98 3.72 -35.20
CA ASP A 277 -17.30 3.37 -34.74
CA ASP A 277 -17.29 3.37 -34.69
C ASP A 277 -17.84 4.42 -33.77
C ASP A 277 -17.82 4.45 -33.77
N PRO A 278 -18.96 5.07 -34.07
CA PRO A 278 -19.43 6.15 -33.18
C PRO A 278 -19.79 5.69 -31.78
N ARG A 279 -20.32 4.49 -31.63
CA ARG A 279 -20.62 4.01 -30.29
C ARG A 279 -19.36 3.91 -29.44
N LEU A 280 -18.28 3.35 -30.01
CA LEU A 280 -17.07 3.19 -29.23
C LEU A 280 -16.37 4.53 -28.99
N ILE A 281 -16.43 5.45 -29.95
CA ILE A 281 -15.91 6.79 -29.71
C ILE A 281 -16.67 7.45 -28.55
N LYS A 282 -17.98 7.35 -28.58
CA LYS A 282 -18.81 7.92 -27.53
C LYS A 282 -18.46 7.30 -26.19
N LEU A 283 -18.23 6.00 -26.16
CA LEU A 283 -17.97 5.32 -24.91
C LEU A 283 -16.62 5.72 -24.34
N GLY A 284 -15.56 5.67 -25.17
CA GLY A 284 -14.26 6.08 -24.69
C GLY A 284 -14.25 7.52 -24.22
N CYS A 285 -14.89 8.39 -24.99
CA CYS A 285 -14.87 9.80 -24.64
C CYS A 285 -15.59 10.07 -23.32
N LYS A 286 -16.72 9.39 -23.07
CA LYS A 286 -17.42 9.71 -21.83
C LYS A 286 -16.67 9.16 -20.63
N MET A 287 -16.02 8.01 -20.77
CA MET A 287 -15.16 7.53 -19.68
C MET A 287 -14.08 8.55 -19.36
N LEU A 288 -13.43 9.08 -20.40
CA LEU A 288 -12.41 10.09 -20.23
C LEU A 288 -12.99 11.36 -19.62
N ASP A 289 -14.11 11.84 -20.14
CA ASP A 289 -14.78 13.02 -19.58
C ASP A 289 -15.08 12.83 -18.11
N TYR A 290 -15.68 11.68 -17.76
CA TYR A 290 -16.08 11.46 -16.37
C TYR A 290 -14.88 11.50 -15.44
N MET A 291 -13.81 10.83 -15.85
CA MET A 291 -12.71 10.60 -14.93
C MET A 291 -11.65 11.68 -14.98
N TRP A 292 -11.61 12.48 -16.05
CA TRP A 292 -10.86 13.73 -15.99
C TRP A 292 -11.46 14.67 -14.96
N ASP A 293 -12.80 14.79 -14.97
N ASP A 293 -12.79 14.80 -14.97
CA ASP A 293 -13.44 15.68 -14.01
CA ASP A 293 -13.43 15.69 -14.00
C ASP A 293 -13.19 15.21 -12.58
C ASP A 293 -13.17 15.21 -12.57
N ARG A 294 -13.25 13.90 -12.35
CA ARG A 294 -13.05 13.39 -11.00
C ARG A 294 -11.58 13.31 -10.64
N GLY A 295 -10.71 13.15 -11.63
CA GLY A 295 -9.31 12.88 -11.37
C GLY A 295 -8.40 14.08 -11.36
N TRP A 296 -8.70 15.12 -12.16
CA TRP A 296 -7.77 16.24 -12.26
C TRP A 296 -7.79 17.08 -10.99
N ASP A 297 -6.60 17.36 -10.46
CA ASP A 297 -6.42 18.09 -9.20
C ASP A 297 -6.40 19.58 -9.52
N LYS A 298 -7.50 20.23 -9.22
CA LYS A 298 -7.64 21.65 -9.57
C LYS A 298 -6.84 22.56 -8.66
N GLU A 299 -6.35 22.08 -7.52
CA GLU A 299 -5.51 22.90 -6.65
C GLU A 299 -4.04 22.86 -7.08
N HIS A 300 -3.51 21.65 -7.22
CA HIS A 300 -2.09 21.46 -7.44
C HIS A 300 -1.76 20.98 -8.83
N GLY A 301 -2.75 20.63 -9.65
CA GLY A 301 -2.52 20.07 -10.94
C GLY A 301 -2.21 18.58 -10.88
N GLY A 302 -2.37 17.92 -12.02
CA GLY A 302 -2.07 16.50 -12.11
C GLY A 302 -3.27 15.62 -11.74
N ILE A 303 -3.10 14.33 -12.02
CA ILE A 303 -4.14 13.33 -11.82
C ILE A 303 -3.96 12.67 -10.46
N LEU A 304 -4.97 12.78 -9.61
CA LEU A 304 -4.98 12.10 -8.32
C LEU A 304 -5.05 10.59 -8.53
N TYR A 305 -4.39 9.84 -7.63
CA TYR A 305 -4.30 8.41 -7.86
C TYR A 305 -5.63 7.73 -7.59
N PHE A 306 -6.23 7.98 -6.42
CA PHE A 306 -7.52 7.41 -6.07
C PHE A 306 -8.51 8.53 -5.78
N ARG A 307 -9.78 8.24 -6.04
CA ARG A 307 -10.90 9.06 -5.59
C ARG A 307 -11.93 8.11 -5.00
N ASP A 308 -12.93 8.69 -4.37
CA ASP A 308 -14.07 7.96 -3.81
C ASP A 308 -15.33 8.35 -4.57
N VAL A 309 -16.13 7.35 -4.96
CA VAL A 309 -17.27 7.64 -5.82
C VAL A 309 -18.27 8.60 -5.17
N TYR A 310 -18.35 8.59 -3.84
CA TYR A 310 -19.25 9.50 -3.14
C TYR A 310 -18.49 10.57 -2.37
N ASN A 311 -17.24 10.81 -2.74
CA ASN A 311 -16.39 11.84 -2.14
C ASN A 311 -16.23 11.66 -0.65
N LYS A 312 -16.40 10.44 -0.16
CA LYS A 312 -15.94 10.10 1.17
C LYS A 312 -14.42 10.07 1.17
N PRO A 313 -13.77 10.19 2.32
CA PRO A 313 -12.32 10.18 2.32
C PRO A 313 -11.79 8.84 1.82
N VAL A 314 -10.79 8.87 0.94
CA VAL A 314 -10.17 7.65 0.44
C VAL A 314 -9.17 7.15 1.47
N GLN A 315 -9.23 5.86 1.76
CA GLN A 315 -8.42 5.30 2.81
C GLN A 315 -7.06 4.79 2.35
N GLU A 316 -6.92 4.36 1.09
CA GLU A 316 -5.62 3.90 0.61
C GLU A 316 -4.61 5.05 0.73
N TYR A 317 -3.42 4.75 1.26
CA TYR A 317 -2.60 5.83 1.81
C TYR A 317 -2.10 6.78 0.73
N TRP A 318 -1.88 6.27 -0.48
CA TRP A 318 -1.28 7.06 -1.53
C TRP A 318 -2.33 7.72 -2.43
N GLN A 319 -3.55 7.87 -1.92
CA GLN A 319 -4.68 8.29 -2.73
C GLN A 319 -4.43 9.62 -3.44
N ASP A 320 -3.74 10.57 -2.79
CA ASP A 320 -3.55 11.89 -3.38
C ASP A 320 -2.16 12.11 -3.95
N MET A 321 -1.36 11.07 -4.06
CA MET A 321 -0.07 11.19 -4.70
C MET A 321 -0.22 11.27 -6.22
N LYS A 322 0.83 11.76 -6.84
CA LYS A 322 0.91 11.95 -8.29
C LYS A 322 1.90 10.92 -8.81
N PHE A 323 1.36 9.84 -9.36
CA PHE A 323 2.18 8.80 -9.95
C PHE A 323 2.38 9.08 -11.43
N TRP A 324 3.48 8.56 -11.97
CA TRP A 324 3.81 8.75 -13.37
C TRP A 324 2.74 8.18 -14.29
N TRP A 325 2.30 6.96 -14.02
CA TRP A 325 1.64 6.23 -15.12
C TRP A 325 0.24 6.74 -15.38
N PRO A 326 -0.52 7.21 -14.38
CA PRO A 326 -1.80 7.85 -14.74
C PRO A 326 -1.61 8.97 -15.74
N HIS A 327 -0.56 9.76 -15.56
CA HIS A 327 -0.28 10.83 -16.50
C HIS A 327 0.05 10.29 -17.88
N ASN A 328 0.81 9.21 -17.97
CA ASN A 328 1.08 8.64 -19.29
C ASN A 328 -0.22 8.27 -19.99
N GLU A 329 -1.16 7.66 -19.25
CA GLU A 329 -2.38 7.15 -19.89
C GLU A 329 -3.30 8.29 -20.27
N VAL A 330 -3.34 9.35 -19.45
CA VAL A 330 -4.21 10.47 -19.76
C VAL A 330 -3.63 11.27 -20.92
N ILE A 331 -2.29 11.32 -21.06
CA ILE A 331 -1.70 11.96 -22.23
C ILE A 331 -2.15 11.25 -23.50
N ILE A 332 -2.07 9.92 -23.50
CA ILE A 332 -2.53 9.17 -24.68
C ILE A 332 -4.00 9.47 -24.94
N ALA A 333 -4.82 9.30 -23.91
CA ALA A 333 -6.26 9.34 -24.09
C ALA A 333 -6.70 10.71 -24.63
N THR A 334 -6.17 11.80 -24.04
CA THR A 334 -6.60 13.12 -24.48
C THR A 334 -6.16 13.39 -25.91
N LEU A 335 -4.91 13.04 -26.26
CA LEU A 335 -4.46 13.26 -27.63
C LEU A 335 -5.24 12.38 -28.58
N LEU A 336 -5.46 11.12 -28.22
CA LEU A 336 -6.24 10.23 -29.08
C LEU A 336 -7.65 10.76 -29.26
N ALA A 337 -8.30 11.15 -28.15
CA ALA A 337 -9.64 11.70 -28.23
C ALA A 337 -9.66 12.94 -29.11
N TYR A 338 -8.63 13.77 -29.01
CA TYR A 338 -8.59 14.97 -29.83
C TYR A 338 -8.49 14.62 -31.32
N THR A 339 -7.57 13.69 -31.67
CA THR A 339 -7.39 13.39 -33.09
C THR A 339 -8.64 12.73 -33.67
N ILE A 340 -9.38 11.96 -32.86
CA ILE A 340 -10.55 11.26 -33.37
C ILE A 340 -11.74 12.20 -33.50
N THR A 341 -11.96 13.06 -32.52
CA THR A 341 -13.18 13.87 -32.46
C THR A 341 -13.00 15.31 -32.90
N GLY A 342 -11.79 15.85 -32.85
CA GLY A 342 -11.59 17.25 -33.13
C GLY A 342 -12.15 18.18 -32.08
N GLU A 343 -12.56 17.67 -30.92
CA GLU A 343 -13.10 18.51 -29.86
C GLU A 343 -11.96 19.24 -29.15
N GLU A 344 -12.01 20.58 -29.17
CA GLU A 344 -10.89 21.37 -28.68
C GLU A 344 -10.59 21.10 -27.22
N LYS A 345 -11.61 20.73 -26.43
CA LYS A 345 -11.37 20.51 -25.01
C LYS A 345 -10.32 19.43 -24.78
N TYR A 346 -10.30 18.39 -25.62
CA TYR A 346 -9.29 17.35 -25.44
C TYR A 346 -7.89 17.85 -25.73
N ALA A 347 -7.76 18.82 -26.65
CA ALA A 347 -6.48 19.47 -26.86
C ALA A 347 -6.09 20.29 -25.63
N GLN A 348 -7.07 20.97 -25.02
CA GLN A 348 -6.78 21.76 -23.82
C GLN A 348 -6.36 20.85 -22.66
N TRP A 349 -7.05 19.73 -22.48
CA TRP A 349 -6.68 18.79 -21.43
C TRP A 349 -5.33 18.16 -21.72
N HIS A 350 -5.08 17.80 -22.98
CA HIS A 350 -3.78 17.26 -23.33
C HIS A 350 -2.67 18.23 -22.97
N LYS A 351 -2.84 19.49 -23.37
CA LYS A 351 -1.83 20.50 -23.04
C LYS A 351 -1.60 20.55 -21.53
N LEU A 352 -2.68 20.49 -20.76
CA LEU A 352 -2.55 20.58 -19.31
C LEU A 352 -1.76 19.40 -18.74
N VAL A 353 -2.12 18.19 -19.12
CA VAL A 353 -1.50 17.02 -18.51
C VAL A 353 -0.10 16.78 -19.07
N HIS A 354 0.07 17.05 -20.36
CA HIS A 354 1.41 16.95 -20.97
C HIS A 354 2.37 17.92 -20.28
N GLU A 355 2.02 19.20 -20.22
CA GLU A 355 2.91 20.15 -19.55
C GLU A 355 3.11 19.78 -18.09
N TYR A 356 2.04 19.40 -17.40
CA TYR A 356 2.19 19.02 -16.00
C TYR A 356 3.17 17.86 -15.86
N ALA A 357 2.95 16.81 -16.62
CA ALA A 357 3.73 15.59 -16.44
C ALA A 357 5.19 15.80 -16.83
N TYR A 358 5.46 16.41 -17.99
CA TYR A 358 6.85 16.53 -18.40
C TYR A 358 7.61 17.49 -17.50
N GLN A 359 6.92 18.50 -16.95
CA GLN A 359 7.59 19.43 -16.05
C GLN A 359 7.87 18.84 -14.68
N HIS A 360 7.00 17.96 -14.18
CA HIS A 360 7.12 17.43 -12.82
C HIS A 360 7.82 16.09 -12.74
N PHE A 361 7.65 15.21 -13.72
CA PHE A 361 8.25 13.88 -13.65
C PHE A 361 9.56 13.74 -14.41
N HIS A 362 9.74 14.44 -15.53
CA HIS A 362 10.92 14.20 -16.36
C HIS A 362 12.18 14.69 -15.67
N ASP A 363 13.23 13.86 -15.72
CA ASP A 363 14.53 14.19 -15.15
C ASP A 363 15.44 14.62 -16.29
N ALA A 364 15.56 15.93 -16.49
CA ALA A 364 16.36 16.42 -17.60
C ALA A 364 17.84 16.09 -17.43
N ALA A 365 18.30 15.88 -16.20
CA ALA A 365 19.71 15.63 -15.96
C ALA A 365 20.10 14.21 -16.35
N ASN A 366 19.38 13.22 -15.84
CA ASN A 366 19.72 11.81 -16.05
C ASN A 366 18.79 11.08 -17.00
N GLY A 367 17.69 11.69 -17.41
CA GLY A 367 16.76 11.05 -18.31
C GLY A 367 15.69 10.25 -17.60
N GLU A 368 14.68 9.87 -18.37
CA GLU A 368 13.51 9.14 -17.89
C GLU A 368 12.72 9.99 -16.89
N TRP A 369 11.81 9.35 -16.20
CA TRP A 369 10.85 10.03 -15.34
C TRP A 369 10.94 9.48 -13.93
N PHE A 370 10.85 10.37 -12.95
CA PHE A 370 10.53 9.94 -11.60
C PHE A 370 9.15 9.30 -11.59
N GLY A 371 8.94 8.43 -10.62
CA GLY A 371 7.66 7.77 -10.51
C GLY A 371 6.69 8.44 -9.57
N TYR A 372 7.19 9.04 -8.47
CA TYR A 372 6.34 9.27 -7.32
C TYR A 372 6.48 10.68 -6.81
N LEU A 373 5.38 11.45 -6.91
CA LEU A 373 5.34 12.78 -6.37
C LEU A 373 4.24 12.88 -5.32
N HIS A 374 4.45 13.79 -4.37
CA HIS A 374 3.39 14.18 -3.47
C HIS A 374 2.27 14.88 -4.22
N LYS A 375 1.12 15.03 -3.55
CA LYS A 375 0.01 15.78 -4.11
C LYS A 375 0.49 17.10 -4.71
N ASP A 376 1.31 17.84 -3.98
CA ASP A 376 1.74 19.18 -4.40
C ASP A 376 2.84 19.15 -5.46
N GLY A 377 3.19 17.98 -5.98
CA GLY A 377 4.14 17.86 -7.06
C GLY A 377 5.58 17.72 -6.66
N THR A 378 5.90 17.84 -5.37
CA THR A 378 7.27 17.64 -4.93
C THR A 378 7.59 16.14 -4.95
N LEU A 379 8.85 15.84 -5.28
CA LEU A 379 9.31 14.47 -5.42
C LEU A 379 9.29 13.74 -4.09
N ALA A 380 8.73 12.54 -4.10
CA ALA A 380 8.65 11.75 -2.87
C ALA A 380 9.87 10.85 -2.69
N GLN A 381 10.43 10.33 -3.77
CA GLN A 381 11.63 9.53 -3.74
C GLN A 381 12.18 9.47 -5.16
N THR A 382 13.44 9.06 -5.27
CA THR A 382 14.21 9.30 -6.48
C THR A 382 14.22 8.13 -7.46
N ALA A 383 13.61 6.99 -7.14
CA ALA A 383 13.79 5.82 -7.97
C ALA A 383 13.03 5.93 -9.28
N LYS A 384 13.58 5.30 -10.32
CA LYS A 384 12.96 5.27 -11.64
C LYS A 384 12.50 3.88 -12.05
N GLY A 385 12.90 2.85 -11.32
CA GLY A 385 12.40 1.50 -11.56
C GLY A 385 12.36 0.73 -10.26
N ASN A 386 11.35 -0.13 -10.13
CA ASN A 386 11.20 -0.95 -8.93
C ASN A 386 10.36 -2.17 -9.30
N LEU A 387 9.56 -2.66 -8.34
CA LEU A 387 8.71 -3.81 -8.61
C LEU A 387 7.55 -3.48 -9.55
N PHE A 388 7.22 -2.23 -9.76
CA PHE A 388 6.06 -1.83 -10.54
C PHE A 388 6.39 -0.90 -11.68
N LYS A 389 7.42 -0.08 -11.54
CA LYS A 389 7.79 0.88 -12.57
C LYS A 389 8.95 0.33 -13.38
N GLY A 390 8.85 0.44 -14.69
CA GLY A 390 9.91 0.00 -15.57
C GLY A 390 9.73 0.63 -16.93
N PRO A 391 10.32 0.05 -17.93
CA PRO A 391 10.17 0.66 -19.28
C PRO A 391 8.87 0.23 -19.95
N PHE A 392 7.76 0.76 -19.44
CA PHE A 392 6.48 0.40 -20.05
C PHE A 392 5.58 1.61 -20.24
N HIS A 393 4.92 2.09 -19.17
CA HIS A 393 3.91 3.12 -19.36
C HIS A 393 4.47 4.35 -20.08
N LEU A 394 5.63 4.84 -19.66
CA LEU A 394 6.18 6.04 -20.32
C LEU A 394 6.56 5.76 -21.77
N PRO A 395 7.43 4.80 -22.07
CA PRO A 395 7.77 4.60 -23.49
C PRO A 395 6.57 4.21 -24.33
N ARG A 396 5.59 3.50 -23.75
CA ARG A 396 4.39 3.20 -24.54
C ARG A 396 3.67 4.47 -24.94
N GLN A 397 3.56 5.41 -24.00
CA GLN A 397 2.89 6.67 -24.27
C GLN A 397 3.64 7.47 -25.32
N GLU A 398 4.96 7.58 -25.17
CA GLU A 398 5.72 8.35 -26.15
C GLU A 398 5.70 7.67 -27.51
N TRP A 399 5.85 6.34 -27.53
CA TRP A 399 5.75 5.59 -28.78
C TRP A 399 4.37 5.71 -29.40
N TYR A 400 3.32 5.56 -28.58
CA TYR A 400 1.97 5.59 -29.13
C TYR A 400 1.64 6.97 -29.69
N CYS A 401 2.05 8.03 -28.97
CA CYS A 401 1.74 9.38 -29.41
C CYS A 401 2.51 9.77 -30.65
N MET A 402 3.79 9.40 -30.70
CA MET A 402 4.58 9.63 -31.90
C MET A 402 3.95 8.96 -33.10
N THR A 403 3.56 7.69 -32.94
N THR A 403 3.52 7.71 -32.95
CA THR A 403 2.95 6.94 -34.02
CA THR A 403 2.97 6.98 -34.09
C THR A 403 1.62 7.53 -34.42
C THR A 403 1.58 7.48 -34.44
N LEU A 404 0.76 7.77 -33.44
CA LEU A 404 -0.55 8.37 -33.71
C LEU A 404 -0.42 9.66 -34.49
N LEU A 405 0.47 10.55 -34.07
CA LEU A 405 0.59 11.84 -34.73
C LEU A 405 1.18 11.70 -36.13
N ASN A 406 2.10 10.75 -36.32
N ASN A 406 2.10 10.75 -36.33
CA ASN A 406 2.58 10.48 -37.68
CA ASN A 406 2.57 10.52 -37.69
C ASN A 406 1.43 10.09 -38.59
C ASN A 406 1.43 10.09 -38.61
N GLU A 407 0.58 9.18 -38.13
CA GLU A 407 -0.59 8.79 -38.89
C GLU A 407 -1.52 9.99 -39.10
N TYR A 408 -1.87 10.68 -38.03
CA TYR A 408 -2.77 11.82 -38.13
C TYR A 408 -2.27 12.84 -39.14
N LEU A 409 -1.00 13.20 -39.05
CA LEU A 409 -0.48 14.25 -39.93
C LEU A 409 -0.45 13.80 -41.39
N GLN A 410 -0.26 12.50 -41.63
CA GLN A 410 -0.34 12.00 -43.00
C GLN A 410 -1.74 12.15 -43.58
N GLN A 411 -2.77 12.02 -42.75
CA GLN A 411 -4.15 12.15 -43.20
C GLN A 411 -4.64 13.59 -43.29
N SER A 412 -3.85 14.54 -42.79
CA SER A 412 -4.20 15.95 -42.86
C SER A 412 -3.40 16.65 -43.95
N GLU B 19 13.88 21.78 30.53
N GLU B 19 13.81 21.88 30.59
CA GLU B 19 13.96 20.71 31.52
CA GLU B 19 13.93 20.68 31.39
C GLU B 19 12.56 20.20 31.87
C GLU B 19 12.56 20.20 31.86
N TYR B 20 12.49 18.94 32.27
CA TYR B 20 11.23 18.32 32.71
C TYR B 20 11.26 18.27 34.24
N THR B 21 10.68 19.29 34.86
CA THR B 21 10.55 19.35 36.30
C THR B 21 9.38 18.47 36.76
N LEU B 22 9.32 18.22 38.08
CA LEU B 22 8.14 17.53 38.62
C LEU B 22 6.89 18.32 38.30
N GLU B 23 6.97 19.65 38.33
CA GLU B 23 5.83 20.50 38.00
C GLU B 23 5.37 20.22 36.57
N LYS B 24 6.31 20.20 35.63
CA LYS B 24 5.97 19.94 34.24
C LYS B 24 5.41 18.53 34.06
N LEU B 25 5.95 17.56 34.78
CA LEU B 25 5.45 16.19 34.66
C LEU B 25 4.06 16.05 35.27
N LYS B 26 3.76 16.81 36.32
CA LYS B 26 2.40 16.84 36.84
C LYS B 26 1.44 17.42 35.80
N ASP B 27 1.85 18.49 35.13
CA ASP B 27 1.02 19.08 34.08
C ASP B 27 0.76 18.07 32.98
N LEU B 28 1.80 17.38 32.53
CA LEU B 28 1.65 16.39 31.47
C LEU B 28 0.69 15.28 31.91
N GLN B 29 0.86 14.80 33.12
CA GLN B 29 -0.02 13.76 33.65
C GLN B 29 -1.48 14.18 33.50
N GLY B 30 -1.82 15.39 33.95
CA GLY B 30 -3.19 15.86 33.84
C GLY B 30 -3.63 16.06 32.40
N PHE B 31 -2.69 16.49 31.55
CA PHE B 31 -3.02 16.66 30.15
C PHE B 31 -3.40 15.32 29.51
N TYR B 32 -2.57 14.29 29.68
CA TYR B 32 -2.90 12.99 29.11
C TYR B 32 -4.20 12.45 29.68
N GLN B 33 -4.41 12.62 30.99
CA GLN B 33 -5.66 12.14 31.59
C GLN B 33 -6.87 12.88 31.00
N LYS B 34 -6.77 14.20 30.87
CA LYS B 34 -7.89 14.95 30.30
C LYS B 34 -8.13 14.55 28.86
N GLN B 35 -7.08 14.44 28.06
CA GLN B 35 -7.25 14.03 26.67
C GLN B 35 -7.91 12.66 26.59
N LEU B 36 -7.43 11.71 27.40
CA LEU B 36 -7.95 10.35 27.32
C LEU B 36 -9.44 10.32 27.64
N LEU B 37 -9.85 10.96 28.73
CA LEU B 37 -11.19 10.79 29.27
C LEU B 37 -12.19 11.82 28.74
N ASP B 38 -11.74 13.01 28.39
CA ASP B 38 -12.65 14.05 27.92
C ASP B 38 -12.66 14.20 26.40
N ASP B 39 -11.73 13.59 25.69
CA ASP B 39 -11.59 13.80 24.25
C ASP B 39 -11.54 12.47 23.49
N THR B 40 -10.56 11.65 23.80
CA THR B 40 -10.29 10.46 22.98
C THR B 40 -11.39 9.42 23.17
N VAL B 41 -11.63 8.99 24.40
CA VAL B 41 -12.56 7.90 24.66
C VAL B 41 -13.97 8.34 24.28
N PRO B 42 -14.41 9.55 24.62
CA PRO B 42 -15.78 9.96 24.25
C PRO B 42 -16.02 10.02 22.76
N PHE B 43 -14.99 10.22 21.96
CA PHE B 43 -15.18 10.21 20.52
C PHE B 43 -15.68 8.86 20.04
N TRP B 44 -15.29 7.78 20.73
CA TRP B 44 -15.59 6.43 20.30
C TRP B 44 -16.77 5.83 21.03
N PHE B 45 -16.86 6.05 22.34
CA PHE B 45 -17.80 5.33 23.18
C PHE B 45 -18.65 6.28 24.00
N PRO B 46 -19.92 5.94 24.22
CA PRO B 46 -20.52 4.65 23.85
C PRO B 46 -21.08 4.55 22.43
N ARG B 47 -20.99 5.62 21.65
CA ARG B 47 -21.74 5.64 20.39
C ARG B 47 -21.29 4.58 19.41
N SER B 48 -20.05 4.07 19.54
CA SER B 48 -19.56 3.06 18.62
C SER B 48 -20.07 1.66 18.95
N ILE B 49 -20.75 1.47 20.08
N ILE B 49 -20.75 1.49 20.08
CA ILE B 49 -21.24 0.15 20.45
CA ILE B 49 -21.29 0.18 20.45
C ILE B 49 -22.39 -0.21 19.50
C ILE B 49 -22.39 -0.18 19.47
N ASP B 50 -22.23 -1.31 18.78
CA ASP B 50 -23.25 -1.80 17.86
C ASP B 50 -24.29 -2.56 18.67
N ARG B 51 -25.41 -1.89 18.94
CA ARG B 51 -26.45 -2.49 19.77
C ARG B 51 -27.23 -3.59 19.06
N GLU B 52 -27.22 -3.61 17.73
CA GLU B 52 -27.97 -4.59 16.97
C GLU B 52 -27.18 -5.88 16.79
N PHE B 53 -25.92 -5.79 16.38
CA PHE B 53 -25.13 -6.98 16.05
C PHE B 53 -23.98 -7.23 17.01
N GLY B 54 -23.70 -6.31 17.94
CA GLY B 54 -22.56 -6.44 18.80
C GLY B 54 -21.28 -5.96 18.14
N GLY B 55 -20.21 -5.95 18.93
CA GLY B 55 -19.00 -5.38 18.42
C GLY B 55 -19.12 -3.87 18.33
N TYR B 56 -18.27 -3.28 17.48
CA TYR B 56 -18.15 -1.83 17.40
C TYR B 56 -18.15 -1.36 15.97
N LEU B 57 -18.85 -0.23 15.74
CA LEU B 57 -18.84 0.50 14.47
C LEU B 57 -17.82 1.62 14.62
N LEU B 58 -16.65 1.43 14.03
CA LEU B 58 -15.51 2.28 14.30
C LEU B 58 -14.91 2.95 13.07
N MET B 59 -15.46 2.72 11.87
CA MET B 59 -14.87 3.32 10.67
C MET B 59 -15.56 4.64 10.45
N ARG B 60 -14.97 5.70 11.02
CA ARG B 60 -15.66 6.98 11.20
C ARG B 60 -14.84 8.11 10.61
N ASP B 61 -15.54 9.08 10.03
CA ASP B 61 -14.92 10.28 9.48
C ASP B 61 -14.62 11.25 10.61
N GLN B 62 -14.09 12.42 10.25
CA GLN B 62 -13.61 13.36 11.25
C GLN B 62 -14.71 13.78 12.20
N ASP B 63 -15.94 13.88 11.72
CA ASP B 63 -17.06 14.31 12.54
C ASP B 63 -17.77 13.16 13.23
N GLY B 64 -17.22 11.96 13.14
CA GLY B 64 -17.80 10.79 13.75
C GLY B 64 -18.76 10.01 12.87
N SER B 65 -19.15 10.55 11.72
N SER B 65 -19.14 10.56 11.72
CA SER B 65 -20.04 9.84 10.82
CA SER B 65 -20.03 9.85 10.81
C SER B 65 -19.36 8.60 10.26
C SER B 65 -19.34 8.59 10.27
N LEU B 66 -20.14 7.54 10.06
CA LEU B 66 -19.59 6.31 9.53
C LEU B 66 -19.27 6.46 8.05
N ILE B 67 -18.10 5.97 7.64
CA ILE B 67 -17.80 5.80 6.23
C ILE B 67 -17.91 4.35 5.79
N ASP B 68 -18.21 3.44 6.71
CA ASP B 68 -18.31 2.01 6.46
C ASP B 68 -18.83 1.37 7.74
N ASP B 69 -19.65 0.32 7.60
CA ASP B 69 -20.09 -0.42 8.77
C ASP B 69 -19.37 -1.76 8.93
N ASP B 70 -18.32 -2.01 8.14
CA ASP B 70 -17.50 -3.20 8.33
C ASP B 70 -16.80 -3.13 9.69
N LYS B 71 -16.28 -4.28 10.11
CA LYS B 71 -15.60 -4.43 11.39
C LYS B 71 -14.24 -5.10 11.17
N ALA B 72 -13.18 -4.40 11.59
CA ALA B 72 -11.83 -4.95 11.54
C ALA B 72 -11.61 -5.78 12.80
N VAL B 73 -11.29 -7.07 12.60
CA VAL B 73 -11.27 -7.99 13.73
C VAL B 73 -10.20 -7.60 14.74
N TRP B 74 -9.02 -7.19 14.26
CA TRP B 74 -7.99 -6.73 15.18
C TRP B 74 -8.52 -5.64 16.09
N ILE B 75 -9.27 -4.70 15.52
CA ILE B 75 -9.70 -3.52 16.25
C ILE B 75 -10.87 -3.84 17.17
N GLN B 76 -11.70 -4.83 16.82
CA GLN B 76 -12.71 -5.28 17.77
C GLN B 76 -12.05 -5.78 19.05
N GLY B 77 -10.97 -6.57 18.90
CA GLY B 77 -10.25 -7.03 20.08
C GLY B 77 -9.52 -5.90 20.78
N ARG B 78 -8.91 -5.00 20.02
CA ARG B 78 -8.21 -3.88 20.64
C ARG B 78 -9.15 -3.00 21.43
N ALA B 79 -10.33 -2.74 20.88
CA ALA B 79 -11.33 -1.92 21.56
C ALA B 79 -11.87 -2.59 22.82
N ALA B 80 -12.13 -3.90 22.75
CA ALA B 80 -12.57 -4.62 23.94
C ALA B 80 -11.48 -4.61 25.00
N TRP B 81 -10.22 -4.71 24.56
CA TRP B 81 -9.10 -4.63 25.49
C TRP B 81 -9.05 -3.26 26.15
N LEU B 82 -9.25 -2.19 25.37
CA LEU B 82 -9.14 -0.85 25.92
C LEU B 82 -10.22 -0.60 26.98
N LEU B 83 -11.47 -0.93 26.64
CA LEU B 83 -12.57 -0.68 27.57
C LEU B 83 -12.39 -1.46 28.86
N SER B 84 -11.94 -2.72 28.74
CA SER B 84 -11.66 -3.51 29.94
C SER B 84 -10.53 -2.88 30.75
N THR B 85 -9.46 -2.47 30.07
CA THR B 85 -8.33 -1.85 30.75
C THR B 85 -8.75 -0.59 31.48
N LEU B 86 -9.59 0.24 30.85
CA LEU B 86 -10.10 1.43 31.52
C LEU B 86 -10.89 1.06 32.76
N TYR B 87 -11.80 0.08 32.65
CA TYR B 87 -12.58 -0.39 33.79
C TYR B 87 -11.67 -0.87 34.90
N ASN B 88 -10.56 -1.53 34.54
CA ASN B 88 -9.69 -2.09 35.56
C ASN B 88 -8.79 -1.04 36.21
N THR B 89 -8.37 -0.03 35.46
CA THR B 89 -7.32 0.86 35.91
C THR B 89 -7.73 2.32 36.07
N VAL B 90 -8.91 2.71 35.58
CA VAL B 90 -9.31 4.10 35.64
C VAL B 90 -10.60 4.24 36.45
N GLU B 91 -11.67 3.56 36.02
CA GLU B 91 -12.95 3.68 36.71
C GLU B 91 -13.85 2.53 36.29
N GLN B 92 -14.49 1.91 37.29
CA GLN B 92 -15.34 0.74 37.04
C GLN B 92 -16.72 1.17 36.51
N LYS B 93 -16.69 1.79 35.33
CA LYS B 93 -17.91 2.18 34.65
C LYS B 93 -18.60 0.95 34.06
N GLN B 94 -19.86 0.73 34.44
CA GLN B 94 -20.61 -0.39 33.87
C GLN B 94 -20.67 -0.29 32.35
N GLU B 95 -20.82 0.93 31.84
CA GLU B 95 -20.88 1.12 30.39
C GLU B 95 -19.64 0.54 29.71
N TRP B 96 -18.47 0.73 30.32
CA TRP B 96 -17.25 0.20 29.72
C TRP B 96 -17.21 -1.32 29.79
N LEU B 97 -17.63 -1.90 30.92
CA LEU B 97 -17.69 -3.35 31.02
C LEU B 97 -18.65 -3.94 30.00
N ASP B 98 -19.87 -3.40 29.93
CA ASP B 98 -20.82 -3.88 28.94
C ASP B 98 -20.28 -3.74 27.52
N GLY B 99 -19.62 -2.62 27.25
CA GLY B 99 -19.01 -2.44 25.94
C GLY B 99 -17.93 -3.46 25.67
N ALA B 100 -17.10 -3.76 26.66
CA ALA B 100 -16.07 -4.77 26.48
C ALA B 100 -16.69 -6.12 26.15
N LYS B 101 -17.74 -6.51 26.88
CA LYS B 101 -18.38 -7.80 26.64
C LYS B 101 -18.98 -7.88 25.25
N SER B 102 -19.49 -6.76 24.72
CA SER B 102 -20.01 -6.74 23.37
C SER B 102 -18.96 -7.19 22.36
N GLY B 103 -17.74 -6.66 22.49
CA GLY B 103 -16.67 -7.04 21.57
C GLY B 103 -16.23 -8.47 21.76
N ILE B 104 -16.08 -8.90 23.01
CA ILE B 104 -15.71 -10.30 23.28
C ILE B 104 -16.72 -11.24 22.64
N ASP B 105 -18.02 -10.99 22.85
CA ASP B 105 -19.04 -11.88 22.31
C ASP B 105 -19.03 -11.88 20.79
N PHE B 106 -18.82 -10.71 20.19
CA PHE B 106 -18.78 -10.62 18.74
C PHE B 106 -17.62 -11.43 18.18
N LEU B 107 -16.45 -11.34 18.84
CA LEU B 107 -15.31 -12.13 18.40
C LEU B 107 -15.62 -13.63 18.46
N ASN B 108 -16.20 -14.08 19.57
CA ASN B 108 -16.47 -15.50 19.74
C ASN B 108 -17.53 -15.97 18.77
N ARG B 109 -18.52 -15.13 18.51
CA ARG B 109 -19.67 -15.57 17.72
C ARG B 109 -19.36 -15.59 16.23
N HIS B 110 -18.55 -14.65 15.75
CA HIS B 110 -18.44 -14.41 14.31
C HIS B 110 -17.03 -14.46 13.74
N CYS B 111 -15.98 -14.34 14.55
CA CYS B 111 -14.67 -13.99 14.02
C CYS B 111 -13.70 -15.17 13.94
N PHE B 112 -14.18 -16.39 14.17
CA PHE B 112 -13.38 -17.60 13.97
C PHE B 112 -13.88 -18.37 12.76
N ASP B 113 -12.96 -18.75 11.89
CA ASP B 113 -13.27 -19.59 10.75
C ASP B 113 -13.43 -21.06 11.20
N THR B 114 -13.85 -21.91 10.26
CA THR B 114 -14.10 -23.30 10.62
C THR B 114 -12.82 -24.04 10.95
N ASP B 115 -11.66 -23.57 10.48
CA ASP B 115 -10.39 -24.20 10.80
C ASP B 115 -9.78 -23.69 12.10
N GLY B 116 -10.48 -22.84 12.84
CA GLY B 116 -10.00 -22.36 14.11
C GLY B 116 -9.19 -21.08 14.03
N GLN B 117 -8.85 -20.61 12.84
CA GLN B 117 -8.12 -19.36 12.68
C GLN B 117 -9.08 -18.20 12.55
N MET B 118 -8.67 -17.05 13.07
CA MET B 118 -9.56 -15.91 13.12
C MET B 118 -9.55 -15.15 11.80
N PHE B 119 -10.69 -14.57 11.47
CA PHE B 119 -10.78 -13.67 10.33
C PHE B 119 -10.08 -12.36 10.64
N PHE B 120 -9.80 -11.60 9.59
CA PHE B 120 -9.21 -10.26 9.72
C PHE B 120 -10.24 -9.16 9.52
N HIS B 121 -11.25 -9.40 8.72
CA HIS B 121 -12.15 -8.34 8.25
C HIS B 121 -13.50 -9.00 8.03
N VAL B 122 -14.53 -8.48 8.71
CA VAL B 122 -15.88 -9.02 8.58
C VAL B 122 -16.86 -7.87 8.41
N THR B 123 -18.07 -8.22 8.00
CA THR B 123 -19.16 -7.30 7.86
C THR B 123 -19.76 -6.92 9.21
N ARG B 124 -20.67 -5.95 9.18
CA ARG B 124 -21.32 -5.53 10.42
C ARG B 124 -21.91 -6.72 11.15
N ASP B 125 -22.54 -7.64 10.42
CA ASP B 125 -23.21 -8.78 11.02
C ASP B 125 -22.32 -10.02 11.07
N GLY B 126 -21.01 -9.85 10.91
CA GLY B 126 -20.08 -10.92 11.21
C GLY B 126 -19.80 -11.89 10.09
N GLN B 127 -20.10 -11.54 8.85
CA GLN B 127 -19.77 -12.41 7.75
C GLN B 127 -18.34 -12.13 7.28
N PRO B 128 -17.60 -13.15 6.87
CA PRO B 128 -16.18 -12.94 6.57
C PRO B 128 -15.98 -12.20 5.26
N ILE B 129 -15.08 -11.23 5.28
CA ILE B 129 -14.62 -10.53 4.10
C ILE B 129 -13.19 -10.96 3.74
N ARG B 130 -12.29 -10.98 4.72
N ARG B 130 -12.30 -11.01 4.73
CA ARG B 130 -10.90 -11.32 4.45
CA ARG B 130 -10.90 -11.31 4.47
C ARG B 130 -10.32 -12.07 5.64
C ARG B 130 -10.34 -12.10 5.65
N LYS B 131 -9.43 -13.01 5.33
CA LYS B 131 -8.70 -13.80 6.30
C LYS B 131 -7.23 -13.74 5.91
N ARG B 132 -6.35 -13.56 6.89
CA ARG B 132 -4.92 -13.39 6.63
C ARG B 132 -4.14 -14.58 7.17
N ARG B 133 -2.93 -14.76 6.62
CA ARG B 133 -2.09 -15.85 7.10
C ARG B 133 -1.56 -15.55 8.51
N TYR B 134 -1.42 -14.28 8.88
CA TYR B 134 -0.94 -13.98 10.22
C TYR B 134 -1.89 -14.56 11.28
N TYR B 135 -1.46 -14.43 12.55
CA TYR B 135 -2.30 -14.72 13.71
C TYR B 135 -2.35 -13.50 14.64
N PHE B 136 -2.19 -12.31 14.08
CA PHE B 136 -2.27 -11.12 14.93
C PHE B 136 -3.69 -10.91 15.45
N SER B 137 -4.70 -11.34 14.68
CA SER B 137 -6.06 -11.32 15.20
C SER B 137 -6.11 -12.04 16.54
N GLU B 138 -5.50 -13.23 16.60
CA GLU B 138 -5.55 -14.02 17.82
C GLU B 138 -4.91 -13.29 19.00
N THR B 139 -3.78 -12.62 18.77
CA THR B 139 -3.08 -11.98 19.88
C THR B 139 -3.94 -10.89 20.50
N PHE B 140 -4.67 -10.14 19.67
CA PHE B 140 -5.54 -9.11 20.24
C PHE B 140 -6.77 -9.72 20.90
N ALA B 141 -7.19 -10.91 20.48
CA ALA B 141 -8.23 -11.62 21.21
C ALA B 141 -7.72 -12.07 22.58
N VAL B 142 -6.45 -12.47 22.65
CA VAL B 142 -5.86 -12.82 23.95
C VAL B 142 -5.97 -11.64 24.90
N ILE B 143 -5.41 -10.48 24.51
CA ILE B 143 -5.34 -9.39 25.48
C ILE B 143 -6.73 -8.86 25.79
N ALA B 144 -7.66 -8.94 24.84
CA ALA B 144 -9.02 -8.54 25.11
C ALA B 144 -9.65 -9.49 26.13
N ASN B 145 -9.55 -10.79 25.90
CA ASN B 145 -10.15 -11.75 26.82
C ASN B 145 -9.47 -11.70 28.18
N ALA B 146 -8.16 -11.52 28.21
CA ALA B 146 -7.44 -11.42 29.48
C ALA B 146 -7.93 -10.23 30.29
N ALA B 147 -7.96 -9.04 29.67
CA ALA B 147 -8.38 -7.86 30.40
C ALA B 147 -9.84 -7.97 30.82
N TYR B 148 -10.69 -8.46 29.92
CA TYR B 148 -12.10 -8.62 30.28
C TYR B 148 -12.27 -9.65 31.40
N ALA B 149 -11.51 -10.74 31.33
CA ALA B 149 -11.59 -11.74 32.39
C ALA B 149 -11.26 -11.15 33.75
N LYS B 150 -10.31 -10.22 33.80
CA LYS B 150 -10.00 -9.57 35.05
C LYS B 150 -11.11 -8.62 35.47
N ALA B 151 -11.70 -7.89 34.52
CA ALA B 151 -12.71 -6.91 34.88
C ALA B 151 -14.00 -7.56 35.32
N SER B 152 -14.33 -8.73 34.77
CA SER B 152 -15.62 -9.36 35.00
C SER B 152 -15.55 -10.63 35.82
N GLY B 153 -14.38 -11.19 36.04
CA GLY B 153 -14.29 -12.49 36.68
C GLY B 153 -14.83 -13.63 35.84
N ASP B 154 -15.05 -13.40 34.55
CA ASP B 154 -15.52 -14.44 33.65
C ASP B 154 -14.42 -15.47 33.47
N GLU B 155 -14.65 -16.69 33.96
CA GLU B 155 -13.67 -17.75 33.83
C GLU B 155 -13.52 -18.22 32.38
N ALA B 156 -14.60 -18.18 31.61
CA ALA B 156 -14.52 -18.60 30.21
C ALA B 156 -13.56 -17.69 29.43
N ALA B 157 -13.60 -16.39 29.70
CA ALA B 157 -12.69 -15.48 29.02
C ALA B 157 -11.25 -15.74 29.43
N ALA B 158 -11.01 -16.00 30.71
CA ALA B 158 -9.66 -16.31 31.18
C ALA B 158 -9.13 -17.56 30.49
N LYS B 159 -9.93 -18.63 30.44
CA LYS B 159 -9.51 -19.85 29.76
C LYS B 159 -9.25 -19.57 28.29
N GLN B 160 -10.13 -18.82 27.64
CA GLN B 160 -9.95 -18.47 26.24
C GLN B 160 -8.64 -17.72 26.04
N ALA B 161 -8.35 -16.74 26.89
CA ALA B 161 -7.11 -15.99 26.76
C ALA B 161 -5.90 -16.91 26.80
N ARG B 162 -5.87 -17.83 27.77
CA ARG B 162 -4.74 -18.74 27.88
C ARG B 162 -4.69 -19.74 26.74
N TYR B 163 -5.85 -20.23 26.31
CA TYR B 163 -5.88 -21.15 25.19
C TYR B 163 -5.33 -20.49 23.93
N LEU B 164 -5.86 -19.32 23.57
CA LEU B 164 -5.38 -18.64 22.38
C LEU B 164 -3.91 -18.29 22.51
N PHE B 165 -3.47 -17.93 23.73
CA PHE B 165 -2.05 -17.62 23.91
C PHE B 165 -1.17 -18.82 23.56
N GLY B 166 -1.56 -20.01 24.04
CA GLY B 166 -0.80 -21.20 23.70
C GLY B 166 -0.77 -21.46 22.20
N LYS B 167 -1.88 -21.17 21.52
CA LYS B 167 -1.93 -21.36 20.07
C LYS B 167 -1.01 -20.39 19.36
N CYS B 168 -0.96 -19.13 19.84
CA CYS B 168 -0.05 -18.16 19.25
C CYS B 168 1.40 -18.56 19.45
N ILE B 169 1.72 -19.16 20.60
CA ILE B 169 3.08 -19.62 20.83
C ILE B 169 3.45 -20.68 19.81
N GLU B 170 2.58 -21.66 19.61
CA GLU B 170 2.84 -22.69 18.60
C GLU B 170 3.00 -22.08 17.22
N TYR B 171 2.09 -21.18 16.84
CA TYR B 171 2.20 -20.51 15.55
C TYR B 171 3.55 -19.82 15.40
N SER B 172 4.02 -19.18 16.48
CA SER B 172 5.26 -18.43 16.42
C SER B 172 6.49 -19.33 16.31
N THR B 173 6.39 -20.60 16.71
CA THR B 173 7.51 -21.52 16.67
C THR B 173 7.35 -22.64 15.66
N ASN B 174 6.21 -22.73 14.96
CA ASN B 174 5.94 -23.81 14.01
C ASN B 174 5.29 -23.26 12.75
N PRO B 175 5.95 -22.30 12.06
CA PRO B 175 5.50 -21.80 10.76
C PRO B 175 4.71 -22.79 9.92
N GLY B 184 9.21 -19.65 -1.57
CA GLY B 184 10.15 -18.53 -1.48
C GLY B 184 11.57 -18.96 -1.19
N THR B 185 12.51 -18.47 -1.99
CA THR B 185 13.92 -18.79 -1.87
C THR B 185 14.69 -17.75 -1.04
N ARG B 186 14.00 -16.79 -0.47
CA ARG B 186 14.61 -15.73 0.32
C ARG B 186 13.87 -15.70 1.65
N PRO B 187 14.14 -16.66 2.53
CA PRO B 187 13.47 -16.66 3.83
C PRO B 187 13.82 -15.42 4.63
N ALA B 188 12.84 -14.92 5.37
CA ALA B 188 13.01 -13.76 6.22
C ALA B 188 12.18 -13.94 7.48
N LYS B 189 12.70 -13.43 8.60
CA LYS B 189 11.96 -13.39 9.85
C LYS B 189 11.68 -11.94 10.20
N GLY B 190 10.50 -11.68 10.73
CA GLY B 190 10.04 -10.33 10.99
C GLY B 190 10.05 -10.03 12.48
N ILE B 191 10.37 -8.78 12.81
CA ILE B 191 10.43 -8.37 14.20
C ILE B 191 9.04 -8.31 14.83
N GLY B 192 8.00 -8.17 14.01
CA GLY B 192 6.66 -7.98 14.54
C GLY B 192 6.16 -9.15 15.38
N VAL B 193 6.60 -10.36 15.07
CA VAL B 193 6.13 -11.55 15.78
C VAL B 193 6.64 -11.52 17.22
N PRO B 194 7.94 -11.45 17.47
CA PRO B 194 8.40 -11.41 18.87
C PRO B 194 7.89 -10.18 19.60
N MET B 195 7.72 -9.04 18.91
CA MET B 195 7.22 -7.85 19.57
C MET B 195 5.77 -8.01 20.02
N ILE B 196 4.90 -8.42 19.11
CA ILE B 196 3.49 -8.56 19.46
C ILE B 196 3.30 -9.64 20.51
N MET B 197 4.04 -10.73 20.38
CA MET B 197 3.93 -11.80 21.36
C MET B 197 4.40 -11.35 22.74
N MET B 198 5.47 -10.55 22.77
CA MET B 198 5.93 -9.98 24.04
C MET B 198 4.84 -9.13 24.69
N ASN B 199 4.23 -8.21 23.95
CA ASN B 199 3.22 -7.35 24.54
C ASN B 199 1.98 -8.17 24.91
N THR B 200 1.63 -9.16 24.09
CA THR B 200 0.55 -10.06 24.44
C THR B 200 0.83 -10.74 25.77
N ALA B 201 2.04 -11.28 25.93
CA ALA B 201 2.38 -11.95 27.17
C ALA B 201 2.38 -10.96 28.34
N GLN B 202 2.90 -9.75 28.13
CA GLN B 202 2.91 -8.77 29.19
C GLN B 202 1.49 -8.46 29.66
N GLN B 203 0.57 -8.28 28.71
CA GLN B 203 -0.81 -7.97 29.09
C GLN B 203 -1.47 -9.16 29.78
N LEU B 204 -1.19 -10.37 29.31
CA LEU B 204 -1.68 -11.57 29.98
C LEU B 204 -1.17 -11.62 31.41
N ARG B 205 0.14 -11.37 31.59
CA ARG B 205 0.72 -11.40 32.94
C ARG B 205 0.05 -10.37 33.84
N GLU B 206 -0.14 -9.16 33.35
CA GLU B 206 -0.58 -8.05 34.18
C GLU B 206 -2.08 -8.05 34.44
N THR B 207 -2.83 -8.94 33.81
CA THR B 207 -4.27 -9.05 34.05
C THR B 207 -4.61 -10.29 34.85
N ILE B 208 -4.53 -11.48 34.25
CA ILE B 208 -4.93 -12.70 34.93
C ILE B 208 -3.75 -13.62 35.24
N GLY B 209 -2.59 -13.41 34.63
CA GLY B 209 -1.43 -14.24 34.88
C GLY B 209 -1.40 -15.49 34.03
N ASP B 210 -0.20 -15.92 33.66
CA ASP B 210 -0.01 -17.21 32.97
C ASP B 210 1.43 -17.63 33.27
N PRO B 211 1.67 -18.87 33.67
CA PRO B 211 3.04 -19.26 34.06
C PRO B 211 4.03 -19.26 32.91
N ARG B 212 3.57 -19.16 31.67
CA ARG B 212 4.47 -19.18 30.53
C ARG B 212 4.97 -17.79 30.13
N CYS B 213 4.43 -16.73 30.73
CA CYS B 213 4.71 -15.39 30.22
C CYS B 213 6.18 -15.03 30.32
N ASP B 214 6.77 -15.13 31.50
CA ASP B 214 8.11 -14.59 31.70
C ASP B 214 9.14 -15.32 30.85
N GLU B 215 9.07 -16.65 30.80
N GLU B 215 9.08 -16.65 30.83
CA GLU B 215 10.09 -17.39 30.06
CA GLU B 215 10.06 -17.42 30.06
C GLU B 215 9.98 -17.14 28.56
C GLU B 215 9.98 -17.07 28.57
N TRP B 216 8.77 -16.94 28.05
CA TRP B 216 8.62 -16.68 26.63
C TRP B 216 9.02 -15.24 26.31
N ILE B 217 8.71 -14.29 27.21
CA ILE B 217 9.17 -12.93 26.99
C ILE B 217 10.70 -12.92 26.87
N ASP B 218 11.38 -13.68 27.74
CA ASP B 218 12.83 -13.75 27.65
C ASP B 218 13.29 -14.21 26.28
N LYS B 219 12.64 -15.24 25.72
CA LYS B 219 13.02 -15.75 24.41
C LYS B 219 12.81 -14.68 23.34
N TRP B 220 11.70 -13.95 23.41
CA TRP B 220 11.38 -12.97 22.38
C TRP B 220 12.30 -11.76 22.46
N ILE B 221 12.64 -11.32 23.68
CA ILE B 221 13.62 -10.25 23.81
C ILE B 221 14.95 -10.69 23.24
N ASN B 222 15.37 -11.92 23.56
CA ASN B 222 16.63 -12.42 23.03
C ASN B 222 16.60 -12.44 21.51
N GLU B 223 15.46 -12.84 20.93
CA GLU B 223 15.34 -12.86 19.48
C GLU B 223 15.48 -11.45 18.91
N ILE B 224 14.79 -10.48 19.52
CA ILE B 224 14.91 -9.10 19.05
C ILE B 224 16.36 -8.65 19.14
N GLU B 225 17.01 -8.89 20.28
CA GLU B 225 18.37 -8.39 20.45
C GLU B 225 19.34 -9.09 19.52
N THR B 226 19.19 -10.40 19.35
CA THR B 226 20.18 -11.18 18.62
C THR B 226 20.09 -10.93 17.13
N TYR B 227 18.88 -10.86 16.58
CA TYR B 227 18.71 -10.88 15.14
C TYR B 227 18.42 -9.51 14.54
N PHE B 228 17.74 -8.64 15.27
CA PHE B 228 17.19 -7.41 14.68
C PHE B 228 17.93 -6.15 15.08
N VAL B 229 18.58 -6.12 16.24
CA VAL B 229 19.29 -4.92 16.69
C VAL B 229 20.73 -5.00 16.20
N LYS B 230 21.14 -4.01 15.42
CA LYS B 230 22.46 -3.95 14.79
C LYS B 230 23.21 -2.78 15.39
N ASP B 231 24.10 -3.07 16.34
CA ASP B 231 24.86 -2.00 16.98
C ASP B 231 25.87 -1.36 16.03
N ASP B 232 26.44 -2.15 15.11
CA ASP B 232 27.52 -1.63 14.28
C ASP B 232 27.03 -0.51 13.38
N ILE B 233 25.79 -0.59 12.88
CA ILE B 233 25.21 0.42 12.02
C ILE B 233 24.12 1.20 12.72
N ARG B 234 23.93 0.99 14.03
CA ARG B 234 22.92 1.71 14.81
C ARG B 234 21.55 1.67 14.13
N CYS B 235 21.03 0.45 14.02
CA CYS B 235 19.75 0.25 13.35
C CYS B 235 18.98 -0.88 14.01
N VAL B 236 17.66 -0.78 13.96
CA VAL B 236 16.77 -1.89 14.30
C VAL B 236 16.08 -2.31 13.01
N MET B 237 16.28 -3.55 12.60
CA MET B 237 15.69 -4.04 11.36
C MET B 237 14.22 -4.42 11.55
N GLU B 238 13.48 -4.39 10.45
CA GLU B 238 12.14 -4.96 10.40
C GLU B 238 12.16 -6.45 10.06
N GLN B 239 13.02 -6.84 9.14
CA GLN B 239 13.18 -8.23 8.77
C GLN B 239 14.65 -8.49 8.49
N VAL B 240 15.05 -9.75 8.74
CA VAL B 240 16.42 -10.20 8.49
C VAL B 240 16.29 -11.61 7.97
N ALA B 241 17.38 -12.10 7.38
CA ALA B 241 17.48 -13.50 7.00
C ALA B 241 17.49 -14.36 8.26
N PRO B 242 17.19 -15.65 8.12
CA PRO B 242 17.15 -16.53 9.30
C PRO B 242 18.40 -16.47 10.17
N ASP B 243 19.56 -16.19 9.59
CA ASP B 243 20.80 -16.12 10.34
C ASP B 243 21.05 -14.73 10.89
N GLY B 244 20.11 -13.81 10.70
CA GLY B 244 20.23 -12.46 11.18
C GLY B 244 20.81 -11.46 10.19
N SER B 245 21.35 -11.92 9.07
CA SER B 245 22.01 -11.00 8.15
C SER B 245 21.00 -10.09 7.47
N ILE B 246 21.47 -8.91 7.09
CA ILE B 246 20.62 -7.96 6.39
C ILE B 246 20.35 -8.47 4.98
N ILE B 247 19.09 -8.38 4.57
CA ILE B 247 18.68 -8.72 3.21
C ILE B 247 18.75 -7.44 2.38
N ASP B 248 19.75 -7.36 1.51
CA ASP B 248 20.02 -6.13 0.74
C ASP B 248 19.17 -6.12 -0.52
N HIS B 249 17.86 -6.00 -0.29
CA HIS B 249 16.85 -5.85 -1.33
C HIS B 249 15.79 -4.91 -0.78
N ILE B 250 14.92 -4.44 -1.67
CA ILE B 250 14.01 -3.34 -1.33
C ILE B 250 13.22 -3.63 -0.05
N ASP B 251 12.55 -4.78 0.00
CA ASP B 251 11.75 -5.10 1.19
C ASP B 251 12.63 -5.27 2.42
N GLY B 252 13.72 -6.04 2.28
CA GLY B 252 14.56 -6.34 3.43
C GLY B 252 15.25 -5.13 4.02
N ARG B 253 15.49 -4.10 3.20
CA ARG B 253 16.14 -2.90 3.69
C ARG B 253 15.17 -1.96 4.39
N THR B 254 13.86 -2.17 4.23
CA THR B 254 12.87 -1.21 4.66
C THR B 254 12.72 -1.27 6.17
N LEU B 255 12.87 -0.12 6.80
CA LEU B 255 12.77 0.06 8.23
C LEU B 255 11.46 0.74 8.57
N ASN B 256 11.00 0.52 9.79
CA ASN B 256 9.81 1.21 10.32
C ASN B 256 10.21 1.74 11.69
N PRO B 257 10.65 2.99 11.77
CA PRO B 257 11.11 3.51 13.06
C PRO B 257 10.06 3.46 14.16
N GLY B 258 8.81 3.82 13.85
CA GLY B 258 7.77 3.75 14.87
C GLY B 258 7.57 2.35 15.40
N HIS B 259 7.69 1.35 14.53
CA HIS B 259 7.52 -0.04 14.94
C HIS B 259 8.66 -0.49 15.83
N ALA B 260 9.90 -0.15 15.46
CA ALA B 260 11.04 -0.48 16.29
C ALA B 260 10.94 0.19 17.64
N ILE B 261 10.46 1.42 17.66
CA ILE B 261 10.38 2.14 18.92
C ILE B 261 9.22 1.62 19.76
N GLU B 262 8.17 1.11 19.14
CA GLU B 262 7.15 0.38 19.89
C GLU B 262 7.79 -0.82 20.61
N GLY B 263 8.64 -1.56 19.91
CA GLY B 263 9.33 -2.66 20.53
C GLY B 263 10.27 -2.18 21.63
N ALA B 264 10.88 -1.02 21.42
CA ALA B 264 11.77 -0.46 22.43
C ALA B 264 11.05 -0.24 23.75
N TRP B 265 9.83 0.31 23.70
CA TRP B 265 9.16 0.59 24.96
C TRP B 265 8.50 -0.63 25.56
N PHE B 266 8.18 -1.64 24.75
CA PHE B 266 7.83 -2.94 25.32
C PHE B 266 8.97 -3.45 26.18
N ILE B 267 10.22 -3.27 25.72
CA ILE B 267 11.36 -3.78 26.44
C ILE B 267 11.64 -2.92 27.65
N LEU B 268 11.55 -1.60 27.52
CA LEU B 268 11.65 -0.72 28.67
C LEU B 268 10.56 -1.04 29.70
N HIS B 269 9.36 -1.37 29.24
CA HIS B 269 8.30 -1.76 30.17
C HIS B 269 8.69 -3.02 30.93
N GLU B 270 9.29 -3.98 30.22
CA GLU B 270 9.75 -5.19 30.89
C GLU B 270 10.88 -4.88 31.87
N ALA B 271 11.79 -3.97 31.50
CA ALA B 271 12.85 -3.60 32.42
C ALA B 271 12.27 -3.06 33.72
N LYS B 272 11.27 -2.19 33.62
CA LYS B 272 10.61 -1.67 34.81
C LYS B 272 10.02 -2.80 35.63
N TYR B 273 9.37 -3.75 34.96
CA TYR B 273 8.75 -4.87 35.65
C TYR B 273 9.79 -5.69 36.40
N ARG B 274 10.97 -5.83 35.81
CA ARG B 274 12.08 -6.56 36.43
C ARG B 274 12.95 -5.64 37.27
N ASN B 275 12.32 -4.76 38.03
CA ASN B 275 13.01 -3.91 39.01
C ASN B 275 14.06 -3.04 38.34
N ASN B 276 13.74 -2.52 37.15
CA ASN B 276 14.62 -1.64 36.41
C ASN B 276 15.91 -2.36 36.02
N ASP B 277 15.74 -3.51 35.38
CA ASP B 277 16.84 -4.32 34.85
C ASP B 277 17.72 -3.47 33.97
N PRO B 278 18.97 -3.19 34.37
CA PRO B 278 19.81 -2.30 33.55
C PRO B 278 20.11 -2.85 32.17
N ARG B 279 20.15 -4.16 32.01
CA ARG B 279 20.44 -4.72 30.68
C ARG B 279 19.29 -4.47 29.72
N LEU B 280 18.05 -4.61 30.18
CA LEU B 280 16.90 -4.32 29.33
C LEU B 280 16.73 -2.82 29.10
N ILE B 281 17.12 -2.00 30.09
CA ILE B 281 17.11 -0.55 29.88
C ILE B 281 18.06 -0.20 28.74
N LYS B 282 19.29 -0.72 28.79
CA LYS B 282 20.25 -0.45 27.74
C LYS B 282 19.71 -0.89 26.39
N LEU B 283 19.08 -2.06 26.34
CA LEU B 283 18.54 -2.55 25.07
C LEU B 283 17.44 -1.65 24.56
N GLY B 284 16.44 -1.36 25.39
CA GLY B 284 15.36 -0.51 24.95
C GLY B 284 15.87 0.86 24.53
N CYS B 285 16.80 1.41 25.29
CA CYS B 285 17.27 2.77 25.03
C CYS B 285 18.06 2.84 23.73
N LYS B 286 18.89 1.84 23.44
CA LYS B 286 19.66 1.94 22.21
C LYS B 286 18.76 1.74 20.99
N MET B 287 17.73 0.90 21.10
CA MET B 287 16.76 0.80 20.02
C MET B 287 16.10 2.14 19.76
N LEU B 288 15.69 2.82 20.82
CA LEU B 288 15.10 4.13 20.70
C LEU B 288 16.10 5.12 20.11
N ASP B 289 17.31 5.16 20.65
CA ASP B 289 18.33 6.07 20.13
C ASP B 289 18.54 5.85 18.64
N TYR B 290 18.70 4.59 18.23
CA TYR B 290 19.00 4.28 16.85
C TYR B 290 17.90 4.78 15.93
N MET B 291 16.64 4.57 16.31
CA MET B 291 15.55 4.79 15.38
C MET B 291 14.93 6.17 15.51
N TRP B 292 15.13 6.86 16.63
CA TRP B 292 14.89 8.30 16.64
C TRP B 292 15.78 8.98 15.61
N ASP B 293 17.08 8.68 15.64
N ASP B 293 17.08 8.68 15.63
CA ASP B 293 18.01 9.32 14.70
CA ASP B 293 18.00 9.33 14.71
C ASP B 293 17.62 9.02 13.27
C ASP B 293 17.63 9.03 13.27
N ARG B 294 17.24 7.78 12.98
CA ARG B 294 16.89 7.45 11.60
C ARG B 294 15.52 7.95 11.23
N GLY B 295 14.62 8.05 12.20
CA GLY B 295 13.22 8.25 11.88
C GLY B 295 12.69 9.67 11.99
N TRP B 296 13.35 10.50 12.78
CA TRP B 296 12.86 11.86 12.98
C TRP B 296 13.16 12.73 11.76
N ASP B 297 12.15 13.40 11.26
CA ASP B 297 12.24 14.22 10.06
C ASP B 297 12.79 15.58 10.45
N LYS B 298 14.04 15.85 10.08
CA LYS B 298 14.69 17.09 10.46
C LYS B 298 14.21 18.28 9.65
N GLU B 299 13.58 18.06 8.50
CA GLU B 299 13.06 19.16 7.70
C GLU B 299 11.70 19.62 8.20
N HIS B 300 10.79 18.68 8.42
CA HIS B 300 9.41 19.02 8.74
C HIS B 300 8.98 18.63 10.14
N GLY B 301 9.80 17.88 10.86
CA GLY B 301 9.38 17.31 12.13
C GLY B 301 8.55 16.06 11.93
N GLY B 302 8.43 15.28 13.00
CA GLY B 302 7.67 14.06 12.99
C GLY B 302 8.49 12.84 12.61
N ILE B 303 7.85 11.68 12.79
CA ILE B 303 8.48 10.39 12.54
C ILE B 303 8.09 9.91 11.15
N LEU B 304 9.08 9.66 10.29
CA LEU B 304 8.82 9.13 8.97
C LEU B 304 8.38 7.68 9.08
N TYR B 305 7.50 7.26 8.17
CA TYR B 305 6.91 5.93 8.31
C TYR B 305 7.92 4.84 8.00
N PHE B 306 8.58 4.94 6.86
CA PHE B 306 9.60 3.99 6.46
C PHE B 306 10.90 4.73 6.23
N ARG B 307 12.01 4.04 6.49
CA ARG B 307 13.34 4.46 6.08
C ARG B 307 13.98 3.25 5.44
N ASP B 308 15.16 3.46 4.88
CA ASP B 308 15.97 2.41 4.26
C ASP B 308 17.29 2.29 5.02
N VAL B 309 17.67 1.06 5.34
CA VAL B 309 18.85 0.85 6.19
C VAL B 309 20.08 1.49 5.58
N TYR B 310 20.20 1.50 4.24
CA TYR B 310 21.37 2.07 3.58
C TYR B 310 21.06 3.40 2.90
N ASN B 311 19.96 4.03 3.27
CA ASN B 311 19.53 5.31 2.74
C ASN B 311 19.29 5.27 1.24
N LYS B 312 19.05 4.09 0.69
CA LYS B 312 18.49 4.00 -0.65
C LYS B 312 17.05 4.53 -0.63
N PRO B 313 16.53 4.95 -1.79
CA PRO B 313 15.15 5.43 -1.81
C PRO B 313 14.20 4.33 -1.41
N VAL B 314 13.28 4.65 -0.51
CA VAL B 314 12.28 3.70 -0.04
C VAL B 314 11.16 3.64 -1.08
N GLN B 315 10.78 2.43 -1.45
CA GLN B 315 9.81 2.24 -2.54
C GLN B 315 8.37 2.22 -2.08
N GLU B 316 8.08 1.77 -0.86
CA GLU B 316 6.71 1.78 -0.35
C GLU B 316 6.15 3.20 -0.43
N TYR B 317 4.95 3.35 -1.00
CA TYR B 317 4.52 4.67 -1.45
C TYR B 317 4.39 5.66 -0.30
N TRP B 318 3.98 5.19 0.88
CA TRP B 318 3.70 6.08 2.00
C TRP B 318 4.90 6.25 2.92
N GLN B 319 6.10 6.01 2.41
CA GLN B 319 7.29 6.00 3.25
C GLN B 319 7.49 7.31 4.01
N ASP B 320 7.20 8.46 3.39
CA ASP B 320 7.48 9.73 4.05
C ASP B 320 6.24 10.38 4.66
N MET B 321 5.12 9.68 4.71
CA MET B 321 3.94 10.21 5.37
C MET B 321 4.08 10.16 6.88
N LYS B 322 3.26 10.95 7.54
CA LYS B 322 3.26 11.07 8.99
C LYS B 322 1.96 10.43 9.48
N PHE B 323 2.07 9.21 9.97
CA PHE B 323 0.93 8.47 10.50
C PHE B 323 0.83 8.70 11.99
N TRP B 324 -0.40 8.60 12.52
CA TRP B 324 -0.63 8.82 13.92
C TRP B 324 0.20 7.87 14.78
N TRP B 325 0.16 6.57 14.48
CA TRP B 325 0.53 5.62 15.53
C TRP B 325 2.03 5.58 15.80
N PRO B 326 2.93 5.79 14.82
CA PRO B 326 4.34 5.94 15.18
C PRO B 326 4.56 7.00 16.22
N HIS B 327 3.79 8.09 16.14
CA HIS B 327 3.95 9.17 17.11
C HIS B 327 3.45 8.75 18.48
N ASN B 328 2.31 8.05 18.54
CA ASN B 328 1.87 7.49 19.80
C ASN B 328 2.97 6.69 20.47
N GLU B 329 3.63 5.80 19.69
CA GLU B 329 4.58 4.88 20.29
C GLU B 329 5.86 5.59 20.72
N VAL B 330 6.31 6.58 19.94
CA VAL B 330 7.51 7.32 20.31
C VAL B 330 7.22 8.24 21.49
N ILE B 331 5.99 8.72 21.65
CA ILE B 331 5.64 9.48 22.84
C ILE B 331 5.78 8.60 24.08
N ILE B 332 5.28 7.37 24.02
CA ILE B 332 5.44 6.45 25.14
C ILE B 332 6.92 6.19 25.41
N ALA B 333 7.66 5.83 24.37
CA ALA B 333 9.03 5.35 24.54
C ALA B 333 9.92 6.43 25.12
N THR B 334 9.79 7.66 24.63
CA THR B 334 10.62 8.75 25.14
C THR B 334 10.27 9.07 26.58
N LEU B 335 8.97 9.13 26.92
CA LEU B 335 8.60 9.45 28.29
C LEU B 335 9.02 8.32 29.24
N LEU B 336 8.86 7.07 28.80
CA LEU B 336 9.26 5.95 29.64
C LEU B 336 10.78 5.92 29.82
N ALA B 337 11.51 6.10 28.71
CA ALA B 337 12.97 6.18 28.81
C ALA B 337 13.40 7.30 29.76
N TYR B 338 12.72 8.45 29.71
CA TYR B 338 13.11 9.56 30.57
C TYR B 338 12.85 9.24 32.04
N THR B 339 11.65 8.73 32.36
CA THR B 339 11.36 8.45 33.77
C THR B 339 12.27 7.36 34.31
N ILE B 340 12.71 6.44 33.45
CA ILE B 340 13.58 5.37 33.91
C ILE B 340 15.01 5.86 34.07
N THR B 341 15.54 6.58 33.07
CA THR B 341 16.96 6.91 33.06
C THR B 341 17.29 8.30 33.58
N GLY B 342 16.32 9.22 33.59
CA GLY B 342 16.62 10.59 33.94
C GLY B 342 17.44 11.36 32.92
N GLU B 343 17.73 10.77 31.76
CA GLU B 343 18.54 11.45 30.75
C GLU B 343 17.73 12.54 30.07
N GLU B 344 18.26 13.77 30.10
N GLU B 344 18.25 13.77 30.09
CA GLU B 344 17.50 14.91 29.59
CA GLU B 344 17.48 14.91 29.60
C GLU B 344 17.18 14.78 28.11
C GLU B 344 17.17 14.79 28.12
N LYS B 345 18.04 14.11 27.34
CA LYS B 345 17.77 13.98 25.91
C LYS B 345 16.43 13.32 25.66
N TYR B 346 16.00 12.39 26.51
CA TYR B 346 14.70 11.76 26.27
C TYR B 346 13.55 12.70 26.61
N ALA B 347 13.76 13.60 27.57
CA ALA B 347 12.76 14.65 27.81
C ALA B 347 12.71 15.61 26.61
N GLN B 348 13.86 15.92 26.02
CA GLN B 348 13.89 16.78 24.84
C GLN B 348 13.17 16.11 23.69
N TRP B 349 13.42 14.82 23.48
CA TRP B 349 12.77 14.13 22.38
C TRP B 349 11.28 14.01 22.63
N HIS B 350 10.89 13.75 23.88
CA HIS B 350 9.47 13.65 24.18
C HIS B 350 8.75 14.97 23.90
N LYS B 351 9.33 16.07 24.36
CA LYS B 351 8.75 17.39 24.09
C LYS B 351 8.53 17.59 22.59
N LEU B 352 9.53 17.24 21.78
CA LEU B 352 9.44 17.42 20.34
C LEU B 352 8.31 16.61 19.74
N VAL B 353 8.26 15.31 20.03
CA VAL B 353 7.28 14.45 19.40
C VAL B 353 5.90 14.66 20.00
N HIS B 354 5.82 14.95 21.30
CA HIS B 354 4.54 15.30 21.90
C HIS B 354 3.95 16.55 21.26
N GLU B 355 4.74 17.63 21.22
CA GLU B 355 4.25 18.87 20.63
C GLU B 355 3.90 18.68 19.16
N TYR B 356 4.78 18.02 18.42
CA TYR B 356 4.50 17.77 17.02
C TYR B 356 3.17 17.06 16.85
N ALA B 357 2.98 15.98 17.61
CA ALA B 357 1.83 15.11 17.35
C ALA B 357 0.53 15.77 17.74
N TYR B 358 0.47 16.40 18.92
CA TYR B 358 -0.78 17.02 19.34
C TYR B 358 -1.09 18.27 18.54
N GLN B 359 -0.08 18.92 17.98
CA GLN B 359 -0.33 20.09 17.15
C GLN B 359 -0.77 19.69 15.74
N HIS B 360 -0.40 18.53 15.26
CA HIS B 360 -0.65 18.16 13.86
C HIS B 360 -1.77 17.17 13.68
N PHE B 361 -1.91 16.19 14.59
CA PHE B 361 -2.92 15.15 14.43
C PHE B 361 -4.20 15.43 15.18
N HIS B 362 -4.15 16.14 16.31
CA HIS B 362 -5.33 16.27 17.14
C HIS B 362 -6.34 17.19 16.47
N ASP B 363 -7.59 16.76 16.45
CA ASP B 363 -8.69 17.53 15.88
C ASP B 363 -9.40 18.23 17.03
N ALA B 364 -9.06 19.50 17.24
CA ALA B 364 -9.66 20.25 18.33
C ALA B 364 -11.17 20.39 18.14
N ALA B 365 -11.62 20.43 16.89
CA ALA B 365 -13.03 20.68 16.61
C ALA B 365 -13.90 19.49 17.04
N ASN B 366 -13.58 18.28 16.56
CA ASN B 366 -14.40 17.12 16.78
C ASN B 366 -13.78 16.08 17.71
N GLY B 367 -12.53 16.25 18.11
CA GLY B 367 -11.89 15.32 19.01
C GLY B 367 -11.16 14.21 18.28
N GLU B 368 -10.40 13.45 19.07
CA GLU B 368 -9.56 12.37 18.54
C GLU B 368 -8.53 12.93 17.56
N TRP B 369 -7.87 12.03 16.82
CA TRP B 369 -6.75 12.37 15.96
C TRP B 369 -7.04 11.94 14.53
N PHE B 370 -6.71 12.81 13.58
CA PHE B 370 -6.54 12.35 12.22
C PHE B 370 -5.44 11.28 12.15
N GLY B 371 -5.54 10.42 11.14
CA GLY B 371 -4.56 9.37 11.02
C GLY B 371 -3.41 9.69 10.10
N TYR B 372 -3.62 10.50 9.08
CA TYR B 372 -2.75 10.48 7.91
C TYR B 372 -2.41 11.89 7.48
N LEU B 373 -1.15 12.24 7.61
CA LEU B 373 -0.63 13.52 7.15
C LEU B 373 0.45 13.30 6.11
N HIS B 374 0.59 14.27 5.22
CA HIS B 374 1.72 14.28 4.32
C HIS B 374 3.01 14.49 5.09
N LYS B 375 4.15 14.31 4.40
CA LYS B 375 5.45 14.56 5.02
C LYS B 375 5.50 15.93 5.68
N ASP B 376 5.00 16.96 5.00
CA ASP B 376 5.07 18.32 5.50
C ASP B 376 4.03 18.63 6.58
N GLY B 377 3.29 17.63 7.04
CA GLY B 377 2.37 17.81 8.14
C GLY B 377 0.95 18.18 7.77
N THR B 378 0.65 18.40 6.50
CA THR B 378 -0.69 18.75 6.08
C THR B 378 -1.56 17.50 5.99
N LEU B 379 -2.85 17.68 6.24
CA LEU B 379 -3.78 16.55 6.30
C LEU B 379 -3.93 15.91 4.93
N ALA B 380 -3.81 14.58 4.89
CA ALA B 380 -4.02 13.85 3.65
C ALA B 380 -5.47 13.47 3.42
N GLN B 381 -6.16 13.04 4.47
CA GLN B 381 -7.58 12.74 4.42
C GLN B 381 -8.11 12.82 5.84
N THR B 382 -9.44 12.80 5.99
CA THR B 382 -10.06 13.24 7.22
C THR B 382 -10.50 12.10 8.14
N ALA B 383 -10.33 10.86 7.74
CA ALA B 383 -10.93 9.77 8.51
C ALA B 383 -10.19 9.53 9.81
N LYS B 384 -10.91 9.05 10.81
CA LYS B 384 -10.36 8.78 12.12
C LYS B 384 -10.42 7.30 12.49
N GLY B 385 -11.13 6.49 11.71
CA GLY B 385 -11.13 5.06 11.90
C GLY B 385 -11.31 4.39 10.55
N ASN B 386 -10.66 3.25 10.35
CA ASN B 386 -10.82 2.50 9.10
C ASN B 386 -10.45 1.05 9.38
N LEU B 387 -9.85 0.37 8.39
CA LEU B 387 -9.44 -1.02 8.61
C LEU B 387 -8.27 -1.16 9.55
N PHE B 388 -7.55 -0.06 9.84
CA PHE B 388 -6.35 -0.13 10.66
C PHE B 388 -6.37 0.81 11.85
N LYS B 389 -6.96 1.98 11.73
CA LYS B 389 -7.00 2.93 12.83
C LYS B 389 -8.30 2.77 13.59
N GLY B 390 -8.20 2.83 14.92
CA GLY B 390 -9.36 2.79 15.79
C GLY B 390 -8.97 3.24 17.19
N PRO B 391 -9.74 2.83 18.17
CA PRO B 391 -9.42 3.22 19.55
C PRO B 391 -8.34 2.32 20.14
N PHE B 392 -7.10 2.48 19.66
CA PHE B 392 -6.03 1.70 20.25
C PHE B 392 -4.75 2.48 20.50
N HIS B 393 -3.95 2.78 19.47
CA HIS B 393 -2.63 3.35 19.68
C HIS B 393 -2.71 4.65 20.47
N LEU B 394 -3.63 5.55 20.07
CA LEU B 394 -3.73 6.82 20.79
C LEU B 394 -4.22 6.61 22.22
N PRO B 395 -5.38 6.02 22.46
CA PRO B 395 -5.81 5.87 23.86
C PRO B 395 -4.81 5.07 24.68
N ARG B 396 -4.14 4.07 24.10
CA ARG B 396 -3.14 3.35 24.87
C ARG B 396 -2.01 4.28 25.29
N GLN B 397 -1.57 5.15 24.39
CA GLN B 397 -0.51 6.09 24.75
C GLN B 397 -0.96 7.06 25.83
N GLU B 398 -2.16 7.62 25.71
CA GLU B 398 -2.60 8.57 26.70
C GLU B 398 -2.80 7.87 28.04
N TRP B 399 -3.42 6.70 28.02
CA TRP B 399 -3.60 5.91 29.25
C TRP B 399 -2.26 5.50 29.86
N TYR B 400 -1.34 5.01 29.03
CA TYR B 400 -0.06 4.55 29.57
C TYR B 400 0.74 5.71 30.15
N CYS B 401 0.80 6.84 29.43
CA CYS B 401 1.56 7.97 29.93
C CYS B 401 0.93 8.54 31.20
N MET B 402 -0.41 8.61 31.26
CA MET B 402 -1.07 9.08 32.47
C MET B 402 -0.73 8.19 33.66
N THR B 403 -0.84 6.87 33.47
N THR B 403 -0.82 6.87 33.47
CA THR B 403 -0.58 5.93 34.54
CA THR B 403 -0.59 5.98 34.61
C THR B 403 0.89 5.95 34.94
C THR B 403 0.90 5.89 34.94
N LEU B 404 1.78 6.03 33.95
CA LEU B 404 3.21 6.03 34.22
C LEU B 404 3.59 7.26 35.05
N LEU B 405 3.10 8.43 34.64
CA LEU B 405 3.44 9.64 35.39
C LEU B 405 2.80 9.64 36.76
N ASN B 406 1.62 9.04 36.90
N ASN B 406 1.62 9.03 36.91
CA ASN B 406 1.00 8.90 38.23
CA ASN B 406 1.02 8.92 38.24
C ASN B 406 1.90 8.10 39.16
C ASN B 406 1.89 8.09 39.17
N GLU B 407 2.42 6.96 38.66
CA GLU B 407 3.31 6.15 39.48
C GLU B 407 4.63 6.88 39.73
N TYR B 408 5.13 7.58 38.73
CA TYR B 408 6.41 8.26 38.87
C TYR B 408 6.33 9.36 39.91
N LEU B 409 5.26 10.16 39.88
CA LEU B 409 5.12 11.25 40.83
C LEU B 409 4.73 10.77 42.22
N GLN B 410 4.18 9.57 42.34
CA GLN B 410 3.90 9.00 43.66
C GLN B 410 5.18 8.57 44.37
N GLN B 411 6.27 8.37 43.63
CA GLN B 411 7.54 7.98 44.22
C GLN B 411 8.47 9.15 44.52
N SER B 412 8.10 10.36 44.09
CA SER B 412 8.89 11.55 44.38
C SER B 412 8.26 12.35 45.51
P PO4 C . 0.94 -0.98 -13.36
O1 PO4 C . 0.84 -2.40 -12.85
O2 PO4 C . 2.35 -0.46 -13.14
O3 PO4 C . 0.61 -0.95 -14.85
O4 PO4 C . -0.02 -0.10 -12.61
CL CL D . 5.92 1.28 -16.13
P PO4 E . -1.28 -1.10 13.32
O1 PO4 E . -1.95 -1.13 14.67
O2 PO4 E . 0.19 -1.35 13.55
O3 PO4 E . -1.51 0.24 12.66
O4 PO4 E . -1.85 -2.17 12.42
CL CL F . -5.14 2.51 16.36
#